data_6CXE
#
_entry.id   6CXE
#
_cell.length_a   78.437
_cell.length_b   189.071
_cell.length_c   150.908
_cell.angle_alpha   90.000
_cell.angle_beta   90.000
_cell.angle_gamma   90.000
#
_symmetry.space_group_name_H-M   'C 2 2 21'
#
loop_
_entity.id
_entity.type
_entity.pdbx_description
1 polymer 'Chimeric T cell antigen receptor alpha chain Va14,Va24,Ja18'
2 polymer 'Chimeric T cell antigen receptor beta chain Vb8.2, vb11'
3 polymer 'Antigen-presenting glycoprotein CD1d1'
4 polymer Beta-2-microglobulin
5 branched 2-acetamido-2-deoxy-beta-D-glucopyranose-(1-4)-[alpha-L-fucopyranose-(1-6)]2-acetamido-2-deoxy-beta-D-glucopyranose
6 non-polymer 'SODIUM ION'
7 non-polymer 2-acetamido-2-deoxy-beta-D-glucopyranose
8 non-polymer N-[(2S,3S,4R)-3,4-dihydroxy-8-oxo-8-[(6-phenylhexyl)amino]-1-{[(2S,3R,4S,5R,6R)-3,4,5-trihydroxy-6-(hydroxymethyl)tetrahydro-2H-pyran-2-yl]oxy}octan-2-yl]hexacosanamide
9 water water
#
loop_
_entity_poly.entity_id
_entity_poly.type
_entity_poly.pdbx_seq_one_letter_code
_entity_poly.pdbx_strand_id
1 'polypeptide(L)'
;MKTQVEQSPQSLVVRQGENCVLQCNYSVTPDNHLRWFKQDTGKGLVSLTVLVDQKDKTSNGRYSATLDKDAKHSTLHITA
TLLDDTATYICVVGDRGSALGRLHFGAGTQLIVIPDIQNPDPAVYQLRDSKSSDKSVCLFTDFDSQTNVSQSKDSDVYIT
DKCVLDMRSMDFKSNSAVAWSNKSDFACANAFNNSIIPEDTFFPSPESS
;
C
2 'polypeptide(L)'
;MEAAVTQSPRNKVAVTGGKVTLSCNQTNNHNNMYWYRQDTGHGLRLIHYSYGAGSTEKGDIPDGYKASRPSQENFSLILE
LATPSQTSVYFCASGDEGYTQYFGPGTRLLVLEDLRNVTPPKVSLFEPSKAEISHTQKATLVCLATGFYPDHVELSWWVN
GKEVHSGVCTDPQPLKEQPALNDSRYSLSSRLRVSATFWQNPRNHFRCQVQFYGLSENDEWTQDRAKPVTQIVSAEAWGR
A
;
D
3 'polypeptide(L)'
;SEAQQKNYTFRCLQMSSFANRSWSRTDSVVWLGDLQTHRWSNDSATISFTKPWSQGKLSNQQWEKLQHMFQVYRVSFTRD
IQELVKMMSPKEDYPIEIQLSAGCEMYPGNASESFLHVAFQGKYVVRFWGTSWQTVPGAPSWLDLPIKVLNADQGTSATV
QMLLNDTCPLFVRGLLEAGKSDLEKQEKPVAWLSSVPSSAHGHRQLVCHVSGFYPKPVWVMWMRGDQEQQGTHRGDFLPN
ADETWYLQATLDVEAGEEAGLACRVKHSSLGGQDIILYWHHHHHH
;
A
4 'polypeptide(L)'
;IQKTPQIQVYSRHPPENGKPNILNCYVTQFHPPHIEIQMLKNGKKIPKVEMSDMSFSKDWSFYILAHTEFTPTETDTYAC
RVKHASMAEPKTVYWDRDM
;
B
#
loop_
_chem_comp.id
_chem_comp.type
_chem_comp.name
_chem_comp.formula
EM4 non-polymer N-[(2S,3S,4R)-3,4-dihydroxy-8-oxo-8-[(6-phenylhexyl)amino]-1-{[(2S,3R,4S,5R,6R)-3,4,5-trihydroxy-6-(hydroxymethyl)tetrahydro-2H-pyran-2-yl]oxy}octan-2-yl]hexacosanamide 'C52 H94 N2 O10'
FUC L-saccharide, alpha linking alpha-L-fucopyranose 'C6 H12 O5'
NA non-polymer 'SODIUM ION' 'Na 1'
NAG D-saccharide, beta linking 2-acetamido-2-deoxy-beta-D-glucopyranose 'C8 H15 N O6'
#
# COMPACT_ATOMS: atom_id res chain seq x y z
N THR A 3 10.65 -10.27 6.26
CA THR A 3 10.10 -8.94 5.84
C THR A 3 10.28 -8.71 4.35
N GLN A 4 9.52 -7.79 3.78
CA GLN A 4 9.59 -7.51 2.34
C GLN A 4 10.66 -6.50 1.91
N VAL A 5 11.28 -5.81 2.85
CA VAL A 5 12.32 -4.82 2.53
C VAL A 5 13.53 -5.05 3.44
N GLU A 6 14.68 -5.30 2.82
CA GLU A 6 15.91 -5.63 3.53
C GLU A 6 17.05 -4.67 3.18
N GLN A 7 17.69 -4.16 4.21
CA GLN A 7 18.83 -3.25 4.00
C GLN A 7 20.11 -3.91 4.47
N SER A 8 21.20 -3.49 3.83
CA SER A 8 22.55 -3.99 4.08
C SER A 8 23.53 -2.83 3.81
N PRO A 9 24.64 -2.74 4.55
CA PRO A 9 24.88 -3.45 5.83
C PRO A 9 23.89 -3.07 6.93
N GLN A 10 23.83 -3.86 8.00
CA GLN A 10 23.11 -3.46 9.22
C GLN A 10 23.67 -2.17 9.84
N SER A 11 25.00 -2.12 10.01
CA SER A 11 25.71 -0.92 10.44
C SER A 11 27.12 -0.93 9.89
N LEU A 12 27.72 0.25 9.80
CA LEU A 12 29.09 0.42 9.31
C LEU A 12 29.69 1.66 9.95
N VAL A 13 31.03 1.63 10.06
CA VAL A 13 31.81 2.76 10.56
C VAL A 13 32.77 3.19 9.46
N VAL A 14 32.76 4.48 9.13
CA VAL A 14 33.67 5.03 8.13
C VAL A 14 34.38 6.24 8.71
N ARG A 15 35.48 6.62 8.05
CA ARG A 15 36.22 7.80 8.46
C ARG A 15 35.78 8.97 7.58
N GLN A 16 35.73 10.16 8.19
CA GLN A 16 35.41 11.40 7.50
C GLN A 16 36.14 11.52 6.15
N GLY A 17 35.42 11.91 5.11
CA GLY A 17 35.98 12.03 3.77
C GLY A 17 35.84 10.81 2.88
N GLU A 18 35.61 9.64 3.48
CA GLU A 18 35.46 8.39 2.71
C GLU A 18 34.06 8.30 2.12
N ASN A 19 33.95 7.60 1.00
CA ASN A 19 32.65 7.31 0.37
C ASN A 19 32.09 6.02 0.97
N CYS A 20 30.77 5.87 0.93
CA CYS A 20 30.13 4.60 1.31
C CYS A 20 28.86 4.34 0.52
N VAL A 21 28.48 3.07 0.44
CA VAL A 21 27.33 2.60 -0.35
C VAL A 21 26.39 1.80 0.56
N LEU A 22 25.10 2.05 0.46
CA LEU A 22 24.09 1.38 1.27
C LEU A 22 23.14 0.68 0.32
N GLN A 23 22.66 -0.50 0.71
CA GLN A 23 21.87 -1.32 -0.22
C GLN A 23 20.46 -1.54 0.32
N CYS A 24 19.52 -1.64 -0.60
CA CYS A 24 18.15 -2.00 -0.28
C CYS A 24 17.67 -3.02 -1.28
N ASN A 25 17.19 -4.14 -0.77
CA ASN A 25 16.58 -5.17 -1.59
C ASN A 25 15.20 -5.46 -1.07
N TYR A 26 14.25 -5.65 -2.00
CA TYR A 26 12.86 -5.82 -1.62
C TYR A 26 12.14 -6.89 -2.45
N SER A 27 11.02 -7.40 -1.91
CA SER A 27 10.14 -8.30 -2.67
C SER A 27 8.74 -7.70 -2.86
N VAL A 28 8.57 -6.43 -2.46
CA VAL A 28 7.29 -5.70 -2.60
C VAL A 28 6.80 -5.75 -4.04
N THR A 29 5.52 -6.10 -4.21
CA THR A 29 4.83 -6.14 -5.51
C THR A 29 3.45 -5.47 -5.37
N PRO A 30 3.10 -4.52 -6.25
CA PRO A 30 4.01 -3.87 -7.20
C PRO A 30 4.90 -2.83 -6.52
N ASP A 31 5.88 -2.31 -7.27
CA ASP A 31 6.84 -1.35 -6.74
C ASP A 31 6.80 -0.02 -7.50
N ASN A 32 6.02 0.92 -6.98
CA ASN A 32 5.81 2.18 -7.69
C ASN A 32 7.02 3.12 -7.53
N HIS A 33 7.53 3.23 -6.33
CA HIS A 33 8.62 4.15 -6.05
C HIS A 33 9.34 3.74 -4.79
N LEU A 34 10.56 4.25 -4.65
CA LEU A 34 11.41 3.95 -3.52
C LEU A 34 12.04 5.24 -3.01
N ARG A 35 11.91 5.45 -1.70
CA ARG A 35 12.40 6.64 -1.03
C ARG A 35 13.48 6.27 -0.05
N TRP A 36 14.52 7.11 0.00
CA TRP A 36 15.51 7.05 1.06
C TRP A 36 15.30 8.20 2.06
N PHE A 37 15.27 7.83 3.34
CA PHE A 37 15.15 8.72 4.47
C PHE A 37 16.46 8.71 5.27
N LYS A 38 16.81 9.87 5.82
CA LYS A 38 17.86 9.99 6.83
C LYS A 38 17.16 10.28 8.14
N GLN A 39 17.51 9.52 9.17
CA GLN A 39 17.02 9.77 10.52
C GLN A 39 18.18 9.88 11.52
N ASP A 40 18.40 11.11 12.02
CA ASP A 40 19.37 11.39 13.11
C ASP A 40 18.80 10.85 14.41
N THR A 41 19.67 10.64 15.39
CA THR A 41 19.29 10.08 16.69
C THR A 41 18.23 10.94 17.38
N GLY A 42 17.15 10.31 17.80
CA GLY A 42 16.02 11.00 18.40
C GLY A 42 15.07 11.67 17.40
N LYS A 43 15.61 12.19 16.31
CA LYS A 43 14.86 13.01 15.36
C LYS A 43 13.91 12.18 14.46
N GLY A 44 13.40 12.83 13.42
CA GLY A 44 12.46 12.24 12.53
C GLY A 44 13.03 12.03 11.15
N LEU A 45 12.15 11.97 10.16
CA LEU A 45 12.50 11.41 8.86
C LEU A 45 12.67 12.51 7.84
N VAL A 46 13.89 12.61 7.32
CA VAL A 46 14.21 13.59 6.31
C VAL A 46 14.40 12.84 4.98
N SER A 47 13.53 13.14 4.01
CA SER A 47 13.59 12.49 2.70
C SER A 47 14.82 12.99 1.96
N LEU A 48 15.60 12.06 1.42
CA LEU A 48 16.81 12.38 0.67
C LEU A 48 16.57 12.37 -0.83
N THR A 49 15.77 11.42 -1.30
CA THR A 49 15.51 11.25 -2.74
C THR A 49 14.38 10.23 -2.91
N VAL A 50 13.73 10.28 -4.07
CA VAL A 50 12.74 9.28 -4.44
C VAL A 50 13.03 8.85 -5.89
N LEU A 51 13.01 7.54 -6.11
CA LEU A 51 13.26 6.97 -7.43
C LEU A 51 11.94 6.33 -7.90
N VAL A 52 11.58 6.61 -9.15
CA VAL A 52 10.24 6.25 -9.67
C VAL A 52 10.27 5.35 -10.91
N ASP A 53 11.39 5.34 -11.63
CA ASP A 53 11.49 4.64 -12.91
C ASP A 53 12.08 3.24 -12.83
N GLN A 54 11.85 2.47 -13.88
CA GLN A 54 12.31 1.10 -14.03
C GLN A 54 13.82 1.00 -13.77
N LYS A 55 14.58 1.83 -14.48
CA LYS A 55 16.02 2.03 -14.23
C LYS A 55 16.14 3.49 -13.89
N ASP A 56 16.44 3.79 -12.64
CA ASP A 56 16.46 5.18 -12.20
C ASP A 56 17.76 5.54 -11.51
N LYS A 57 18.12 6.82 -11.62
CA LYS A 57 19.29 7.42 -11.00
C LYS A 57 18.88 8.80 -10.50
N THR A 58 19.18 9.11 -9.25
CA THR A 58 18.92 10.44 -8.72
C THR A 58 20.15 10.96 -7.98
N SER A 59 20.17 12.26 -7.71
CA SER A 59 21.22 12.85 -6.88
C SER A 59 20.66 14.01 -6.08
N ASN A 60 21.29 14.27 -4.95
CA ASN A 60 20.93 15.38 -4.09
C ASN A 60 22.18 15.72 -3.28
N GLY A 61 22.94 16.71 -3.78
CA GLY A 61 24.23 17.10 -3.21
C GLY A 61 25.20 15.93 -3.28
N ARG A 62 25.69 15.52 -2.11
CA ARG A 62 26.65 14.41 -2.01
C ARG A 62 25.97 13.01 -1.97
N TYR A 63 24.64 12.99 -1.95
CA TYR A 63 23.86 11.75 -2.08
C TYR A 63 23.57 11.48 -3.54
N SER A 64 23.78 10.24 -3.97
CA SER A 64 23.25 9.78 -5.25
C SER A 64 22.66 8.39 -5.02
N ALA A 65 21.70 8.02 -5.85
CA ALA A 65 21.00 6.77 -5.67
C ALA A 65 20.67 6.13 -7.01
N THR A 66 20.52 4.80 -7.00
CA THR A 66 20.08 4.04 -8.16
C THR A 66 18.87 3.18 -7.79
N LEU A 67 18.02 2.89 -8.78
CA LEU A 67 16.96 1.90 -8.63
C LEU A 67 16.90 1.00 -9.86
N ASP A 68 16.85 -0.30 -9.63
CA ASP A 68 16.60 -1.26 -10.68
C ASP A 68 15.39 -2.08 -10.26
N LYS A 69 14.24 -1.76 -10.86
CA LYS A 69 12.97 -2.42 -10.53
C LYS A 69 12.93 -3.90 -10.91
N ASP A 70 13.53 -4.27 -12.05
CA ASP A 70 13.69 -5.69 -12.43
C ASP A 70 14.42 -6.52 -11.38
N ALA A 71 15.51 -5.98 -10.84
CA ALA A 71 16.27 -6.67 -9.80
C ALA A 71 15.72 -6.41 -8.39
N LYS A 72 14.79 -5.46 -8.27
CA LYS A 72 14.22 -5.04 -6.97
C LYS A 72 15.34 -4.66 -5.97
N HIS A 73 16.17 -3.73 -6.43
CA HIS A 73 17.41 -3.40 -5.76
C HIS A 73 17.64 -1.90 -5.89
N SER A 74 18.03 -1.27 -4.77
CA SER A 74 18.47 0.12 -4.77
C SER A 74 19.74 0.32 -3.97
N THR A 75 20.55 1.30 -4.38
CA THR A 75 21.75 1.71 -3.63
C THR A 75 21.72 3.20 -3.36
N LEU A 76 22.09 3.59 -2.14
CA LEU A 76 22.36 4.98 -1.80
C LEU A 76 23.89 5.16 -1.64
N HIS A 77 24.44 6.13 -2.37
CA HIS A 77 25.86 6.42 -2.32
C HIS A 77 26.06 7.78 -1.64
N ILE A 78 26.88 7.81 -0.60
CA ILE A 78 27.28 9.07 0.03
C ILE A 78 28.73 9.37 -0.32
N THR A 79 28.93 10.51 -1.00
CA THR A 79 30.27 10.96 -1.36
C THR A 79 30.89 11.84 -0.25
N ALA A 80 32.16 11.62 0.03
CA ALA A 80 32.97 12.42 0.98
C ALA A 80 32.23 12.70 2.28
N THR A 81 32.04 11.65 3.08
CA THR A 81 31.21 11.73 4.30
C THR A 81 31.69 12.79 5.28
N LEU A 82 30.73 13.41 5.96
CA LEU A 82 31.02 14.35 7.04
C LEU A 82 30.38 13.83 8.31
N LEU A 83 30.81 14.38 9.43
CA LEU A 83 30.36 13.96 10.76
C LEU A 83 28.83 13.92 10.88
N ASP A 84 28.16 14.90 10.27
CA ASP A 84 26.69 15.01 10.26
C ASP A 84 25.96 13.93 9.45
N ASP A 85 26.71 13.09 8.72
CA ASP A 85 26.10 11.91 8.07
C ASP A 85 25.81 10.79 9.06
N THR A 86 26.37 10.86 10.26
CA THR A 86 26.09 9.89 11.33
C THR A 86 24.57 9.88 11.61
N ALA A 87 23.92 8.77 11.27
CA ALA A 87 22.46 8.68 11.26
C ALA A 87 22.04 7.28 10.85
N THR A 88 20.74 6.99 10.93
CA THR A 88 20.18 5.77 10.37
C THR A 88 19.59 6.14 9.01
N TYR A 89 19.83 5.31 8.00
CA TYR A 89 19.33 5.52 6.65
C TYR A 89 18.31 4.46 6.36
N ILE A 90 17.12 4.89 5.94
CA ILE A 90 15.96 4.02 5.82
C ILE A 90 15.46 4.01 4.38
N CYS A 91 15.22 2.78 3.91
CA CYS A 91 14.68 2.49 2.61
C CYS A 91 13.16 2.24 2.74
N VAL A 92 12.36 2.82 1.83
CA VAL A 92 10.89 2.67 1.86
C VAL A 92 10.36 2.45 0.44
N VAL A 93 9.58 1.39 0.28
CA VAL A 93 8.96 1.09 -1.01
C VAL A 93 7.46 1.41 -0.93
N GLY A 94 6.97 2.20 -1.88
CA GLY A 94 5.52 2.47 -2.03
C GLY A 94 4.95 1.59 -3.12
N ASP A 95 3.88 0.85 -2.81
CA ASP A 95 3.27 -0.11 -3.75
C ASP A 95 2.17 0.47 -4.68
N ARG A 96 1.92 1.79 -4.60
CA ARG A 96 1.03 2.51 -5.54
C ARG A 96 1.49 3.94 -5.77
N GLY A 97 1.17 4.47 -6.94
CA GLY A 97 1.37 5.88 -7.25
C GLY A 97 0.29 6.83 -6.75
N SER A 98 -0.39 6.46 -5.66
CA SER A 98 -1.47 7.25 -5.06
C SER A 98 -1.66 6.95 -3.58
N ALA A 99 -2.61 7.65 -2.95
CA ALA A 99 -3.02 7.44 -1.55
C ALA A 99 -3.49 6.02 -1.25
N LEU A 100 -3.82 5.25 -2.29
CA LEU A 100 -4.19 3.83 -2.13
C LEU A 100 -3.00 2.94 -1.77
N GLY A 101 -1.80 3.50 -1.83
CA GLY A 101 -0.58 2.76 -1.52
C GLY A 101 -0.33 2.50 -0.05
N ARG A 102 0.35 1.39 0.20
CA ARG A 102 0.96 1.10 1.49
C ARG A 102 2.47 1.32 1.36
N LEU A 103 3.09 1.76 2.45
CA LEU A 103 4.53 1.95 2.50
C LEU A 103 5.15 0.77 3.21
N HIS A 104 6.25 0.29 2.67
CA HIS A 104 6.94 -0.86 3.24
C HIS A 104 8.33 -0.41 3.63
N PHE A 105 8.58 -0.34 4.93
CA PHE A 105 9.79 0.27 5.48
C PHE A 105 10.84 -0.80 5.76
N GLY A 106 12.08 -0.51 5.41
CA GLY A 106 13.22 -1.33 5.85
C GLY A 106 13.56 -0.93 7.27
N ALA A 107 14.29 -1.79 7.95
CA ALA A 107 14.71 -1.55 9.33
C ALA A 107 15.92 -0.60 9.44
N GLY A 108 16.52 -0.20 8.33
CA GLY A 108 17.53 0.87 8.38
C GLY A 108 18.96 0.40 8.45
N THR A 109 19.88 1.29 8.07
CA THR A 109 21.34 1.07 8.15
C THR A 109 21.92 2.18 9.04
N GLN A 110 22.64 1.79 10.08
CA GLN A 110 23.27 2.73 10.98
C GLN A 110 24.67 3.10 10.46
N LEU A 111 24.86 4.37 10.10
CA LEU A 111 26.18 4.84 9.67
C LEU A 111 26.82 5.63 10.81
N ILE A 112 28.09 5.30 11.13
CA ILE A 112 28.90 6.14 12.01
C ILE A 112 30.10 6.70 11.24
N VAL A 113 30.26 8.03 11.30
CA VAL A 113 31.38 8.73 10.67
C VAL A 113 32.34 9.26 11.74
N ILE A 114 33.55 8.72 11.74
CA ILE A 114 34.61 9.13 12.67
C ILE A 114 35.23 10.43 12.18
N PRO A 115 35.23 11.48 13.03
CA PRO A 115 35.72 12.78 12.62
C PRO A 115 37.26 12.84 12.55
N ASP A 116 37.75 13.65 11.63
CA ASP A 116 39.17 13.86 11.41
C ASP A 116 39.68 14.99 12.32
N ILE A 117 40.43 14.64 13.37
CA ILE A 117 41.00 15.63 14.30
C ILE A 117 42.41 16.04 13.84
N GLN A 118 42.48 17.23 13.25
CA GLN A 118 43.68 17.71 12.55
C GLN A 118 44.86 17.99 13.49
N ASN A 119 44.59 18.79 14.52
CA ASN A 119 45.62 19.30 15.42
C ASN A 119 45.35 18.88 16.86
N PRO A 120 45.60 17.60 17.22
CA PRO A 120 45.26 17.16 18.57
C PRO A 120 46.17 17.78 19.65
N ASP A 121 45.59 17.97 20.83
CA ASP A 121 46.19 18.70 21.94
C ASP A 121 45.68 18.10 23.26
N PRO A 122 45.87 16.77 23.48
CA PRO A 122 45.23 16.10 24.63
C PRO A 122 45.55 16.72 26.00
N ALA A 123 44.49 16.93 26.80
CA ALA A 123 44.61 17.53 28.13
C ALA A 123 43.47 17.11 29.05
N VAL A 124 43.74 17.16 30.35
CA VAL A 124 42.74 16.93 31.38
C VAL A 124 42.63 18.20 32.21
N TYR A 125 41.44 18.80 32.20
CA TYR A 125 41.19 20.04 32.94
C TYR A 125 40.23 19.81 34.11
N GLN A 126 40.30 20.71 35.09
CA GLN A 126 39.40 20.68 36.24
C GLN A 126 38.46 21.87 36.16
N LEU A 127 37.16 21.57 36.26
CA LEU A 127 36.11 22.57 36.11
C LEU A 127 35.28 22.64 37.38
N ARG A 128 35.01 23.84 37.86
CA ARG A 128 34.31 24.01 39.14
C ARG A 128 32.84 24.41 38.97
N ASP A 129 31.99 23.92 39.87
CA ASP A 129 30.54 24.20 39.86
C ASP A 129 30.29 25.69 40.08
N SER A 130 29.43 26.26 39.23
CA SER A 130 29.09 27.70 39.25
C SER A 130 28.45 28.15 40.56
N LYS A 131 27.72 27.25 41.21
CA LYS A 131 27.07 27.53 42.49
C LYS A 131 27.93 27.04 43.66
N SER A 132 28.25 25.75 43.68
CA SER A 132 28.98 25.11 44.80
C SER A 132 30.45 24.82 44.45
N SER A 133 31.32 25.80 44.72
CA SER A 133 32.70 25.82 44.22
C SER A 133 33.64 24.67 44.67
N ASP A 134 33.23 23.93 45.70
CA ASP A 134 33.96 22.74 46.14
C ASP A 134 33.56 21.43 45.41
N LYS A 135 32.58 21.52 44.52
CA LYS A 135 32.21 20.41 43.63
C LYS A 135 32.84 20.64 42.25
N SER A 136 33.29 19.56 41.61
CA SER A 136 34.00 19.69 40.31
C SER A 136 33.86 18.49 39.37
N VAL A 137 34.14 18.71 38.09
CA VAL A 137 34.26 17.62 37.11
C VAL A 137 35.67 17.65 36.49
N CYS A 138 36.08 16.52 35.89
CA CYS A 138 37.33 16.45 35.14
C CYS A 138 37.03 16.22 33.67
N LEU A 139 37.58 17.09 32.83
CA LEU A 139 37.36 17.06 31.41
C LEU A 139 38.62 16.66 30.64
N PHE A 140 38.56 15.50 29.99
CA PHE A 140 39.61 15.01 29.12
C PHE A 140 39.24 15.40 27.69
N THR A 141 40.02 16.28 27.09
CA THR A 141 39.64 16.87 25.79
C THR A 141 40.80 16.95 24.79
N ASP A 142 40.44 17.13 23.52
CA ASP A 142 41.35 17.47 22.42
C ASP A 142 42.25 16.30 21.97
N PHE A 143 41.87 15.08 22.32
CA PHE A 143 42.52 13.87 21.83
C PHE A 143 42.00 13.48 20.45
N ASP A 144 42.85 12.90 19.61
CA ASP A 144 42.37 12.42 18.30
C ASP A 144 41.55 11.13 18.41
N SER A 145 41.00 10.70 17.29
CA SER A 145 40.03 9.61 17.24
C SER A 145 40.57 8.22 17.60
N GLN A 146 41.90 8.10 17.64
CA GLN A 146 42.57 6.85 18.07
C GLN A 146 42.41 6.51 19.57
N THR A 147 42.16 7.52 20.42
CA THR A 147 42.03 7.29 21.86
C THR A 147 40.67 6.69 22.21
N ASN A 148 40.71 5.63 23.02
CA ASN A 148 39.52 5.03 23.61
C ASN A 148 39.41 5.40 25.08
N VAL A 149 38.21 5.77 25.49
CA VAL A 149 37.93 6.14 26.87
C VAL A 149 37.22 4.96 27.53
N SER A 150 37.72 4.54 28.68
CA SER A 150 37.15 3.40 29.40
C SER A 150 36.45 3.85 30.68
N GLN A 151 35.45 3.07 31.10
CA GLN A 151 34.80 3.25 32.42
C GLN A 151 35.82 3.06 33.56
N SER A 152 35.55 3.68 34.71
CA SER A 152 36.49 3.66 35.84
C SER A 152 36.59 2.29 36.52
N LYS A 153 37.67 2.12 37.29
CA LYS A 153 37.84 0.98 38.19
C LYS A 153 36.82 1.05 39.34
N ASP A 154 36.72 2.22 39.97
CA ASP A 154 35.74 2.47 41.03
C ASP A 154 34.35 2.76 40.45
N SER A 155 33.33 2.14 41.03
CA SER A 155 31.93 2.30 40.60
C SER A 155 31.24 3.51 41.24
N ASP A 156 31.96 4.20 42.10
CA ASP A 156 31.55 5.51 42.64
C ASP A 156 32.19 6.67 41.85
N VAL A 157 32.99 6.33 40.84
CA VAL A 157 33.54 7.29 39.88
C VAL A 157 32.76 7.14 38.58
N TYR A 158 32.30 8.26 38.01
CA TYR A 158 31.55 8.22 36.76
C TYR A 158 32.37 8.79 35.62
N ILE A 159 32.36 8.09 34.49
CA ILE A 159 33.08 8.50 33.30
C ILE A 159 32.17 8.29 32.10
N THR A 160 31.95 9.36 31.35
CA THR A 160 31.13 9.29 30.15
C THR A 160 31.97 8.80 28.98
N ASP A 161 31.30 8.29 27.95
CA ASP A 161 31.96 7.94 26.70
C ASP A 161 32.42 9.22 25.98
N LYS A 162 33.26 9.06 24.95
CA LYS A 162 33.68 10.19 24.13
C LYS A 162 32.53 10.75 23.28
N CYS A 163 32.72 11.98 22.83
CA CYS A 163 31.69 12.78 22.25
C CYS A 163 32.40 13.87 21.45
N VAL A 164 31.98 14.08 20.22
CA VAL A 164 32.61 15.10 19.39
C VAL A 164 31.71 16.33 19.19
N LEU A 165 32.25 17.50 19.53
CA LEU A 165 31.60 18.78 19.28
C LEU A 165 32.17 19.46 18.03
N ASP A 166 31.39 20.36 17.45
CA ASP A 166 31.77 21.03 16.23
C ASP A 166 31.47 22.51 16.40
N MET A 167 32.54 23.29 16.58
CA MET A 167 32.46 24.76 16.57
C MET A 167 32.45 25.23 15.12
N ARG A 168 31.22 25.28 14.58
CA ARG A 168 30.96 25.42 13.15
C ARG A 168 31.64 26.63 12.47
N SER A 169 31.51 27.80 13.10
CA SER A 169 32.04 29.07 12.55
C SER A 169 33.57 29.11 12.49
N MET A 170 34.22 28.41 13.42
CA MET A 170 35.67 28.31 13.47
C MET A 170 36.24 27.12 12.70
N ASP A 171 35.35 26.29 12.14
CA ASP A 171 35.68 25.02 11.47
C ASP A 171 36.59 24.15 12.36
N PHE A 172 36.10 23.87 13.57
CA PHE A 172 36.90 23.20 14.59
C PHE A 172 36.09 22.08 15.27
N LYS A 173 36.70 20.90 15.34
CA LYS A 173 36.11 19.75 16.00
C LYS A 173 36.98 19.31 17.16
N SER A 174 36.36 18.84 18.23
CA SER A 174 37.10 18.25 19.35
C SER A 174 36.31 17.18 20.06
N ASN A 175 37.04 16.17 20.49
CA ASN A 175 36.53 15.11 21.32
C ASN A 175 36.68 15.50 22.77
N SER A 176 35.80 14.97 23.61
CA SER A 176 35.93 15.10 25.05
C SER A 176 35.20 13.97 25.77
N ALA A 177 35.61 13.71 27.00
CA ALA A 177 34.90 12.84 27.93
C ALA A 177 34.97 13.52 29.29
N VAL A 178 33.99 13.20 30.16
CA VAL A 178 33.87 13.86 31.48
C VAL A 178 33.96 12.80 32.57
N ALA A 179 34.59 13.14 33.70
CA ALA A 179 34.63 12.27 34.85
C ALA A 179 34.38 13.03 36.13
N TRP A 180 33.63 12.43 37.05
CA TRP A 180 33.33 13.02 38.36
C TRP A 180 33.08 11.93 39.40
N SER A 181 33.21 12.32 40.67
CA SER A 181 33.04 11.45 41.84
C SER A 181 33.10 12.31 43.09
N ASN A 182 32.43 11.88 44.16
CA ASN A 182 32.63 12.50 45.47
C ASN A 182 33.57 11.69 46.37
N LYS A 183 33.61 10.37 46.13
CA LYS A 183 34.38 9.39 46.93
C LYS A 183 35.87 9.67 47.00
N ASP A 185 40.64 12.38 47.97
CA ASP A 185 40.33 11.00 47.57
C ASP A 185 40.17 10.83 46.05
N PHE A 186 39.47 11.78 45.41
CA PHE A 186 39.32 11.82 43.94
C PHE A 186 39.96 13.09 43.37
N ALA A 187 40.81 12.92 42.36
CA ALA A 187 41.49 14.02 41.67
C ALA A 187 41.65 13.74 40.17
N CYS A 188 41.82 14.81 39.38
CA CYS A 188 41.84 14.71 37.91
C CYS A 188 43.03 13.95 37.30
N ALA A 189 44.19 13.99 37.97
CA ALA A 189 45.36 13.20 37.56
C ALA A 189 45.08 11.69 37.60
N ASN A 190 44.21 11.28 38.53
CA ASN A 190 43.79 9.89 38.72
C ASN A 190 42.65 9.47 37.82
N ALA A 191 41.84 10.45 37.40
CA ALA A 191 40.52 10.19 36.79
C ALA A 191 40.51 9.23 35.62
N PHE A 192 41.43 9.41 34.69
CA PHE A 192 41.44 8.65 33.43
C PHE A 192 42.51 7.53 33.31
N ASN A 193 42.97 7.04 34.47
CA ASN A 193 43.98 5.97 34.57
C ASN A 193 43.57 4.63 33.94
N ASN A 194 42.28 4.30 34.00
CA ASN A 194 41.75 3.10 33.35
C ASN A 194 41.77 3.17 31.81
N SER A 195 42.12 4.33 31.26
CA SER A 195 42.20 4.54 29.82
C SER A 195 43.65 4.68 29.35
N ILE A 196 43.91 4.22 28.14
CA ILE A 196 45.19 4.42 27.48
C ILE A 196 45.18 5.81 26.87
N ILE A 197 45.80 6.76 27.58
CA ILE A 197 45.83 8.18 27.16
C ILE A 197 47.19 8.55 26.56
N PRO A 198 47.22 9.43 25.54
CA PRO A 198 48.48 9.90 24.94
C PRO A 198 49.52 10.34 25.98
N GLU A 199 50.79 10.03 25.70
CA GLU A 199 51.90 10.33 26.61
C GLU A 199 52.11 11.82 26.81
N ASP A 200 51.83 12.61 25.76
CA ASP A 200 51.97 14.08 25.81
C ASP A 200 50.76 14.84 26.40
N THR A 201 49.80 14.10 26.98
CA THR A 201 48.60 14.69 27.63
C THR A 201 48.98 15.71 28.70
N PHE A 202 48.53 16.95 28.46
CA PHE A 202 48.76 18.09 29.34
C PHE A 202 47.94 17.97 30.64
N PHE A 203 48.66 18.01 31.77
CA PHE A 203 48.05 18.08 33.10
C PHE A 203 48.55 19.38 33.75
N PRO A 204 47.71 20.44 33.75
CA PRO A 204 48.08 21.77 34.24
C PRO A 204 48.29 21.87 35.76
N SER A 205 48.52 23.10 36.23
CA SER A 205 48.73 23.49 37.65
C SER A 205 50.15 23.16 38.14
N ALA B 3 3.95 21.34 3.32
CA ALA B 3 2.95 20.55 4.09
C ALA B 3 3.51 20.10 5.46
N ALA B 4 2.95 20.67 6.54
CA ALA B 4 3.45 20.44 7.91
C ALA B 4 2.50 19.65 8.82
N VAL B 5 3.08 18.71 9.56
CA VAL B 5 2.35 17.87 10.53
C VAL B 5 3.00 18.04 11.91
N THR B 6 2.19 18.21 12.95
CA THR B 6 2.71 18.30 14.33
C THR B 6 2.14 17.19 15.21
N GLN B 7 2.86 16.88 16.29
CA GLN B 7 2.46 15.82 17.19
C GLN B 7 2.58 16.30 18.62
N SER B 8 1.62 15.91 19.45
CA SER B 8 1.68 16.17 20.89
C SER B 8 1.08 14.99 21.66
N PRO B 9 1.65 14.62 22.81
CA PRO B 9 2.92 15.18 23.31
C PRO B 9 4.13 14.73 22.47
N ARG B 10 5.28 15.35 22.69
CA ARG B 10 6.49 14.91 22.03
C ARG B 10 7.18 13.75 22.76
N ASN B 11 6.92 13.67 24.06
CA ASN B 11 7.51 12.67 24.93
C ASN B 11 6.53 12.41 26.07
N LYS B 12 6.40 11.14 26.48
CA LYS B 12 5.42 10.73 27.49
C LYS B 12 5.89 9.51 28.28
N VAL B 13 5.88 9.65 29.61
CA VAL B 13 6.03 8.53 30.52
C VAL B 13 4.63 8.19 31.04
N ALA B 14 4.23 6.92 30.92
CA ALA B 14 2.93 6.44 31.40
C ALA B 14 3.05 5.13 32.21
N VAL B 15 1.99 4.82 32.96
CA VAL B 15 1.92 3.57 33.74
C VAL B 15 1.02 2.54 33.06
N THR B 16 1.36 1.26 33.22
CA THR B 16 0.51 0.12 32.82
C THR B 16 -0.93 0.29 33.33
N GLY B 17 -1.90 0.13 32.43
CA GLY B 17 -3.31 0.25 32.76
C GLY B 17 -3.84 1.66 32.54
N GLY B 18 -2.94 2.63 32.43
CA GLY B 18 -3.31 4.02 32.17
C GLY B 18 -3.87 4.23 30.77
N LYS B 19 -4.56 5.35 30.59
CA LYS B 19 -5.07 5.76 29.30
C LYS B 19 -4.09 6.79 28.73
N VAL B 20 -3.62 6.53 27.51
CA VAL B 20 -2.71 7.44 26.82
C VAL B 20 -3.34 7.83 25.49
N THR B 21 -3.31 9.13 25.19
CA THR B 21 -3.79 9.65 23.93
C THR B 21 -2.65 10.37 23.22
N LEU B 22 -2.36 9.96 21.99
CA LEU B 22 -1.35 10.63 21.21
C LEU B 22 -2.06 11.38 20.12
N SER B 23 -1.70 12.65 19.96
CA SER B 23 -2.41 13.50 19.03
C SER B 23 -1.55 13.96 17.89
N CYS B 24 -2.19 14.13 16.75
CA CYS B 24 -1.53 14.58 15.56
C CYS B 24 -2.41 15.62 14.90
N ASN B 25 -1.81 16.77 14.59
CA ASN B 25 -2.48 17.89 13.91
C ASN B 25 -1.80 18.30 12.60
N GLN B 26 -2.63 18.66 11.64
CA GLN B 26 -2.22 18.89 10.28
C GLN B 26 -3.14 19.97 9.65
N THR B 27 -2.55 21.04 9.13
CA THR B 27 -3.32 22.15 8.54
C THR B 27 -3.20 22.22 7.01
N ASN B 28 -2.86 21.09 6.38
CA ASN B 28 -2.65 21.04 4.92
C ASN B 28 -3.95 20.81 4.15
N ASN B 29 -5.04 20.62 4.90
CA ASN B 29 -6.34 20.16 4.39
C ASN B 29 -6.23 18.78 3.68
N HIS B 30 -5.37 17.92 4.24
CA HIS B 30 -5.21 16.55 3.75
C HIS B 30 -6.32 15.65 4.26
N ASN B 31 -6.95 14.91 3.35
CA ASN B 31 -7.98 13.91 3.74
C ASN B 31 -7.40 12.78 4.58
N ASN B 32 -6.17 12.37 4.26
CA ASN B 32 -5.66 11.06 4.70
C ASN B 32 -4.59 11.19 5.76
N MET B 33 -4.74 10.43 6.85
CA MET B 33 -3.78 10.48 7.95
C MET B 33 -3.46 9.06 8.45
N TYR B 34 -2.24 8.88 8.97
CA TYR B 34 -1.70 7.54 9.20
C TYR B 34 -0.93 7.52 10.49
N TRP B 35 -1.08 6.43 11.27
CA TRP B 35 -0.31 6.27 12.51
C TRP B 35 0.62 5.06 12.41
N TYR B 36 1.89 5.27 12.77
CA TYR B 36 2.91 4.20 12.75
C TYR B 36 3.65 4.13 14.09
N ARG B 37 4.21 2.95 14.40
CA ARG B 37 5.23 2.86 15.44
C ARG B 37 6.57 2.35 14.88
N GLN B 38 7.65 2.88 15.45
CA GLN B 38 9.03 2.47 15.12
C GLN B 38 9.69 1.83 16.34
N ASP B 39 10.07 0.57 16.19
CA ASP B 39 10.82 -0.21 17.18
C ASP B 39 12.09 -0.73 16.55
N THR B 40 13.17 -0.73 17.33
CA THR B 40 14.48 -1.16 16.87
C THR B 40 14.38 -2.59 16.31
N GLY B 41 15.07 -2.82 15.20
CA GLY B 41 15.00 -4.11 14.51
C GLY B 41 13.87 -4.21 13.51
N HIS B 42 12.98 -3.20 13.48
CA HIS B 42 11.85 -3.19 12.53
C HIS B 42 11.75 -1.86 11.78
N GLY B 43 11.22 -1.91 10.56
CA GLY B 43 10.78 -0.70 9.88
C GLY B 43 9.54 -0.16 10.57
N LEU B 44 9.16 1.08 10.28
CA LEU B 44 7.87 1.64 10.74
C LEU B 44 6.75 0.70 10.36
N ARG B 45 5.82 0.47 11.29
CA ARG B 45 4.65 -0.40 11.03
C ARG B 45 3.34 0.34 11.24
N LEU B 46 2.42 0.18 10.29
CA LEU B 46 1.13 0.87 10.29
C LEU B 46 0.13 0.30 11.32
N ILE B 47 -0.34 1.17 12.21
CA ILE B 47 -1.31 0.83 13.27
C ILE B 47 -2.75 1.06 12.83
N HIS B 48 -3.06 2.31 12.48
CA HIS B 48 -4.38 2.76 12.06
C HIS B 48 -4.18 3.86 11.05
N TYR B 49 -5.18 4.04 10.20
CA TYR B 49 -5.20 5.15 9.26
C TYR B 49 -6.63 5.68 9.08
N SER B 50 -6.78 6.75 8.31
CA SER B 50 -8.07 7.43 8.17
C SER B 50 -8.14 8.16 6.85
N TYR B 51 -9.27 8.01 6.17
CA TYR B 51 -9.50 8.69 4.89
C TYR B 51 -10.31 10.00 5.01
N GLY B 52 -10.58 10.43 6.24
CA GLY B 52 -11.29 11.69 6.47
C GLY B 52 -11.99 11.69 7.81
N ALA B 53 -12.56 12.84 8.17
CA ALA B 53 -13.32 12.96 9.42
C ALA B 53 -14.36 11.85 9.54
N GLY B 54 -14.31 11.13 10.65
CA GLY B 54 -15.29 10.05 10.90
C GLY B 54 -14.82 8.68 10.47
N SER B 55 -13.78 8.63 9.62
CA SER B 55 -13.20 7.39 9.11
C SER B 55 -12.02 6.99 9.98
N THR B 56 -12.02 5.76 10.47
CA THR B 56 -10.85 5.13 11.08
C THR B 56 -10.76 3.72 10.51
N GLU B 57 -9.54 3.32 10.13
CA GLU B 57 -9.30 1.99 9.57
C GLU B 57 -8.14 1.32 10.26
N LYS B 58 -8.26 0.00 10.43
CA LYS B 58 -7.20 -0.81 10.98
C LYS B 58 -6.04 -0.94 10.00
N GLY B 59 -4.82 -0.79 10.52
CA GLY B 59 -3.61 -1.03 9.76
C GLY B 59 -3.17 -2.48 9.92
N ASP B 60 -1.86 -2.68 9.93
CA ASP B 60 -1.27 -4.02 10.07
C ASP B 60 -1.26 -4.50 11.51
N ILE B 61 -1.02 -3.59 12.45
CA ILE B 61 -0.90 -3.95 13.87
C ILE B 61 -1.86 -3.12 14.76
N PRO B 62 -3.19 -3.25 14.55
CA PRO B 62 -4.13 -2.38 15.28
C PRO B 62 -4.38 -2.73 16.75
N ASP B 63 -4.00 -3.93 17.20
CA ASP B 63 -4.37 -4.43 18.53
C ASP B 63 -3.82 -3.61 19.71
N GLY B 64 -4.72 -3.17 20.59
CA GLY B 64 -4.36 -2.42 21.79
C GLY B 64 -4.46 -0.93 21.55
N TYR B 65 -4.85 -0.56 20.34
CA TYR B 65 -4.96 0.83 19.96
C TYR B 65 -6.34 1.10 19.40
N LYS B 66 -6.86 2.27 19.71
CA LYS B 66 -8.05 2.81 19.09
C LYS B 66 -7.64 4.10 18.39
N ALA B 67 -8.27 4.40 17.26
CA ALA B 67 -8.03 5.64 16.53
C ALA B 67 -9.27 6.50 16.49
N SER B 68 -9.08 7.82 16.34
CA SER B 68 -10.18 8.77 16.31
C SER B 68 -9.84 9.90 15.34
N ARG B 69 -10.75 10.15 14.40
CA ARG B 69 -10.61 11.27 13.48
C ARG B 69 -11.83 12.20 13.64
N PRO B 70 -11.82 13.08 14.68
CA PRO B 70 -12.97 13.96 14.92
C PRO B 70 -13.11 15.06 13.87
N SER B 71 -12.01 15.44 13.22
CA SER B 71 -12.00 16.50 12.23
C SER B 71 -10.94 16.20 11.19
N GLN B 72 -10.94 16.99 10.10
CA GLN B 72 -9.92 16.96 9.04
C GLN B 72 -8.51 17.18 9.60
N GLU B 73 -8.41 18.08 10.58
CA GLU B 73 -7.15 18.50 11.20
C GLU B 73 -6.53 17.48 12.16
N ASN B 74 -7.36 16.73 12.89
CA ASN B 74 -6.89 15.97 14.04
C ASN B 74 -7.12 14.48 13.92
N PHE B 75 -6.05 13.72 14.18
CA PHE B 75 -6.08 12.27 14.18
C PHE B 75 -5.41 11.79 15.45
N SER B 76 -6.17 11.07 16.27
CA SER B 76 -5.67 10.62 17.56
C SER B 76 -5.51 9.14 17.67
N LEU B 77 -4.45 8.74 18.39
CA LEU B 77 -4.22 7.37 18.74
C LEU B 77 -4.47 7.20 20.25
N ILE B 78 -5.43 6.35 20.58
CA ILE B 78 -5.85 6.16 21.96
C ILE B 78 -5.38 4.79 22.45
N LEU B 79 -4.64 4.78 23.55
CA LEU B 79 -4.24 3.55 24.24
C LEU B 79 -5.04 3.49 25.52
N GLU B 80 -6.15 2.73 25.47
CA GLU B 80 -7.12 2.63 26.57
C GLU B 80 -6.50 2.01 27.81
N LEU B 81 -5.72 0.94 27.62
CA LEU B 81 -5.04 0.23 28.71
C LEU B 81 -3.58 0.02 28.32
N ALA B 82 -2.75 1.02 28.62
CA ALA B 82 -1.33 1.00 28.24
C ALA B 82 -0.60 -0.24 28.75
N THR B 83 0.23 -0.83 27.90
CA THR B 83 1.10 -1.96 28.28
C THR B 83 2.56 -1.63 27.94
N PRO B 84 3.52 -2.20 28.71
CA PRO B 84 4.97 -2.04 28.41
C PRO B 84 5.38 -2.33 26.96
N SER B 85 4.64 -3.19 26.25
CA SER B 85 4.90 -3.50 24.84
C SER B 85 4.55 -2.32 23.89
N GLN B 86 3.86 -1.31 24.42
CA GLN B 86 3.52 -0.13 23.65
C GLN B 86 4.56 0.99 23.80
N THR B 87 5.64 0.72 24.53
CA THR B 87 6.82 1.55 24.55
C THR B 87 7.41 1.57 23.15
N SER B 88 7.54 2.78 22.58
CA SER B 88 7.90 2.92 21.17
C SER B 88 8.03 4.40 20.81
N VAL B 89 8.37 4.65 19.55
CA VAL B 89 8.36 5.98 18.97
C VAL B 89 7.24 5.93 17.92
N TYR B 90 6.30 6.86 18.04
CA TYR B 90 5.11 6.87 17.20
C TYR B 90 5.20 8.00 16.20
N PHE B 91 4.87 7.71 14.95
CA PHE B 91 4.88 8.73 13.90
C PHE B 91 3.53 8.82 13.26
N CYS B 92 3.07 10.05 13.10
CA CYS B 92 1.88 10.35 12.37
C CYS B 92 2.29 10.93 11.04
N ALA B 93 1.47 10.71 10.02
CA ALA B 93 1.70 11.28 8.70
C ALA B 93 0.37 11.70 8.09
N SER B 94 0.44 12.60 7.11
CA SER B 94 -0.74 12.97 6.33
C SER B 94 -0.42 13.04 4.84
N GLY B 95 -1.45 13.03 4.01
CA GLY B 95 -1.28 13.16 2.56
C GLY B 95 -2.60 13.42 1.85
N ASP B 96 -2.51 13.90 0.61
CA ASP B 96 -3.73 14.03 -0.19
C ASP B 96 -3.87 12.77 -1.06
N GLU B 97 -4.45 12.90 -2.25
CA GLU B 97 -4.62 11.77 -3.17
C GLU B 97 -3.29 11.22 -3.71
N GLY B 98 -2.22 12.01 -3.59
CA GLY B 98 -0.87 11.60 -4.04
C GLY B 98 -0.24 10.55 -3.13
N TYR B 99 0.82 9.91 -3.59
CA TYR B 99 1.47 8.87 -2.77
C TYR B 99 2.32 9.38 -1.60
N THR B 100 2.73 10.66 -1.61
CA THR B 100 3.61 11.19 -0.55
C THR B 100 2.89 11.27 0.79
N GLN B 101 3.54 10.72 1.83
CA GLN B 101 3.11 10.90 3.21
C GLN B 101 4.07 11.86 3.90
N TYR B 102 3.51 12.86 4.59
CA TYR B 102 4.29 13.90 5.26
C TYR B 102 4.28 13.55 6.74
N PHE B 103 5.46 13.21 7.27
CA PHE B 103 5.58 12.70 8.64
C PHE B 103 5.78 13.82 9.68
N GLY B 104 5.12 13.65 10.83
CA GLY B 104 5.40 14.46 12.00
C GLY B 104 6.72 14.11 12.63
N PRO B 105 7.14 14.84 13.69
CA PRO B 105 8.48 14.66 14.28
C PRO B 105 8.64 13.46 15.23
N GLY B 106 7.56 12.72 15.45
CA GLY B 106 7.59 11.57 16.36
C GLY B 106 7.24 11.87 17.81
N THR B 107 6.72 10.85 18.48
CA THR B 107 6.39 10.91 19.90
C THR B 107 7.01 9.68 20.58
N ARG B 108 7.86 9.91 21.57
CA ARG B 108 8.42 8.82 22.34
C ARG B 108 7.52 8.47 23.51
N LEU B 109 7.13 7.21 23.61
CA LEU B 109 6.32 6.77 24.74
C LEU B 109 7.02 5.67 25.52
N LEU B 110 7.02 5.82 26.85
CA LEU B 110 7.52 4.82 27.74
C LEU B 110 6.41 4.43 28.69
N VAL B 111 6.00 3.16 28.64
CA VAL B 111 5.03 2.64 29.58
C VAL B 111 5.79 1.84 30.63
N LEU B 112 5.86 2.38 31.84
CA LEU B 112 6.45 1.70 33.00
C LEU B 112 5.42 0.84 33.72
N GLU B 113 5.91 -0.22 34.37
CA GLU B 113 5.06 -1.11 35.17
C GLU B 113 4.49 -0.35 36.36
N ASP B 114 5.36 0.48 36.95
CA ASP B 114 5.07 1.25 38.14
C ASP B 114 5.82 2.59 38.10
N LEU B 115 5.29 3.61 38.77
CA LEU B 115 5.86 4.96 38.75
C LEU B 115 6.66 5.35 39.99
N ARG B 116 6.78 4.43 40.95
CA ARG B 116 7.38 4.74 42.29
C ARG B 116 8.77 5.38 42.27
N ASN B 117 9.56 5.05 41.24
CA ASN B 117 10.94 5.55 41.18
C ASN B 117 11.17 6.80 40.35
N VAL B 118 10.11 7.32 39.71
CA VAL B 118 10.21 8.51 38.86
C VAL B 118 10.76 9.68 39.68
N THR B 119 11.86 10.28 39.20
CA THR B 119 12.56 11.36 39.92
C THR B 119 13.12 12.35 38.91
N PRO B 120 12.92 13.66 39.14
CA PRO B 120 13.54 14.67 38.26
C PRO B 120 15.05 14.83 38.49
N PRO B 121 15.80 15.42 37.53
CA PRO B 121 17.22 15.60 37.71
C PRO B 121 17.59 16.77 38.61
N LYS B 122 18.77 16.69 39.22
CA LYS B 122 19.51 17.85 39.70
C LYS B 122 20.36 18.29 38.53
N VAL B 123 20.51 19.59 38.34
CA VAL B 123 21.32 20.07 37.22
C VAL B 123 22.39 21.01 37.76
N SER B 124 23.63 20.79 37.34
CA SER B 124 24.75 21.66 37.72
C SER B 124 25.54 22.07 36.48
N LEU B 125 26.00 23.33 36.47
CA LEU B 125 26.82 23.86 35.39
C LEU B 125 28.23 24.13 35.90
N PHE B 126 29.21 23.62 35.17
CA PHE B 126 30.62 23.72 35.54
C PHE B 126 31.31 24.70 34.60
N GLU B 127 31.93 25.71 35.20
CA GLU B 127 32.53 26.82 34.49
C GLU B 127 33.92 26.45 33.94
N PRO B 128 34.31 27.05 32.79
CA PRO B 128 35.56 26.78 32.07
C PRO B 128 36.82 26.92 32.91
N SER B 129 37.76 26.00 32.71
CA SER B 129 39.06 26.03 33.37
C SER B 129 39.94 27.16 32.86
N LYS B 130 40.54 27.90 33.80
CA LYS B 130 41.51 28.97 33.51
C LYS B 130 42.66 28.44 32.65
N ALA B 131 43.09 27.22 32.97
CA ALA B 131 44.15 26.50 32.27
C ALA B 131 43.79 26.24 30.81
N GLU B 132 42.55 25.78 30.57
CA GLU B 132 42.06 25.58 29.21
C GLU B 132 42.11 26.87 28.40
N ILE B 133 41.65 27.97 29.00
CA ILE B 133 41.61 29.29 28.36
C ILE B 133 43.02 29.72 27.87
N SER B 134 44.01 29.67 28.77
CA SER B 134 45.39 30.03 28.41
C SER B 134 46.03 29.05 27.43
N HIS B 135 45.77 27.74 27.61
CA HIS B 135 46.32 26.71 26.72
C HIS B 135 45.72 26.67 25.32
N THR B 136 44.43 27.00 25.17
CA THR B 136 43.73 26.82 23.88
C THR B 136 43.08 28.07 23.27
N GLN B 137 42.87 29.09 24.10
CA GLN B 137 42.00 30.25 23.78
C GLN B 137 40.53 29.83 23.58
N LYS B 138 40.17 28.68 24.14
CA LYS B 138 38.79 28.19 24.11
C LYS B 138 38.32 27.90 25.54
N ALA B 139 37.01 27.89 25.72
CA ALA B 139 36.41 27.69 27.03
C ALA B 139 35.26 26.67 26.96
N THR B 140 35.43 25.55 27.67
CA THR B 140 34.42 24.50 27.71
C THR B 140 33.62 24.59 28.98
N LEU B 141 32.30 24.72 28.83
CA LEU B 141 31.36 24.61 29.95
C LEU B 141 30.84 23.17 29.99
N VAL B 142 30.63 22.63 31.19
CA VAL B 142 30.03 21.32 31.31
C VAL B 142 28.74 21.39 32.12
N CYS B 143 27.71 20.71 31.62
CA CYS B 143 26.45 20.56 32.32
C CYS B 143 26.26 19.13 32.75
N LEU B 144 25.81 18.94 33.98
CA LEU B 144 25.59 17.61 34.52
C LEU B 144 24.17 17.51 35.06
N ALA B 145 23.41 16.57 34.53
CA ALA B 145 22.10 16.23 35.05
C ALA B 145 22.26 14.90 35.78
N THR B 146 21.85 14.85 37.04
CA THR B 146 22.06 13.68 37.89
C THR B 146 20.80 13.27 38.64
N GLY B 147 20.72 11.99 39.02
CA GLY B 147 19.70 11.46 39.91
C GLY B 147 18.31 11.27 39.32
N PHE B 148 18.20 11.24 37.99
CA PHE B 148 16.87 11.17 37.37
C PHE B 148 16.43 9.78 36.95
N TYR B 149 15.12 9.59 36.91
CA TYR B 149 14.51 8.34 36.46
C TYR B 149 13.09 8.63 35.96
N PRO B 150 12.68 8.10 34.81
CA PRO B 150 13.50 7.33 33.87
C PRO B 150 14.39 8.23 32.99
N ASP B 151 14.89 7.69 31.88
CA ASP B 151 15.91 8.37 31.07
C ASP B 151 15.34 9.26 29.96
N HIS B 152 14.09 9.72 30.13
CA HIS B 152 13.43 10.60 29.16
C HIS B 152 13.68 12.05 29.51
N VAL B 153 14.85 12.52 29.08
CA VAL B 153 15.27 13.92 29.26
C VAL B 153 15.73 14.52 27.94
N GLU B 154 15.55 15.84 27.80
CA GLU B 154 16.12 16.58 26.67
C GLU B 154 16.95 17.72 27.24
N LEU B 155 18.24 17.65 26.96
CA LEU B 155 19.19 18.66 27.40
C LEU B 155 19.42 19.69 26.29
N SER B 156 19.37 20.98 26.63
CA SER B 156 19.65 22.03 25.66
C SER B 156 20.45 23.17 26.28
N TRP B 157 21.17 23.89 25.43
CA TRP B 157 22.00 25.01 25.85
C TRP B 157 21.44 26.32 25.30
N TRP B 158 21.45 27.34 26.16
CA TRP B 158 20.84 28.65 25.86
C TRP B 158 21.84 29.74 26.23
N VAL B 159 22.07 30.63 25.29
CA VAL B 159 22.91 31.80 25.51
C VAL B 159 22.04 33.04 25.28
N ASN B 160 21.93 33.86 26.31
CA ASN B 160 21.08 35.08 26.25
C ASN B 160 19.66 34.80 25.73
N GLY B 161 19.09 33.69 26.22
CA GLY B 161 17.69 33.33 25.92
C GLY B 161 17.48 32.70 24.55
N LYS B 162 18.57 32.38 23.85
CA LYS B 162 18.45 31.72 22.54
C LYS B 162 19.24 30.43 22.50
N GLU B 163 18.63 29.40 21.92
CA GLU B 163 19.23 28.08 21.91
C GLU B 163 20.47 28.02 20.99
N VAL B 164 21.51 27.37 21.48
CA VAL B 164 22.76 27.18 20.72
C VAL B 164 22.97 25.69 20.44
N HIS B 165 23.46 25.41 19.24
CA HIS B 165 23.76 24.05 18.78
C HIS B 165 25.22 23.91 18.42
N SER B 166 25.80 24.95 17.81
CA SER B 166 27.22 24.94 17.48
C SER B 166 28.07 24.82 18.74
N GLY B 167 29.09 23.95 18.67
CA GLY B 167 30.02 23.73 19.78
C GLY B 167 29.45 22.94 20.94
N VAL B 168 28.33 22.27 20.71
CA VAL B 168 27.65 21.46 21.73
C VAL B 168 27.86 20.00 21.41
N CYS B 169 28.09 19.18 22.43
CA CYS B 169 27.81 17.76 22.29
C CYS B 169 27.34 17.16 23.61
N THR B 170 26.28 16.37 23.51
CA THR B 170 25.65 15.72 24.65
C THR B 170 25.79 14.19 24.51
N ASP B 171 26.12 13.50 25.62
CA ASP B 171 26.21 12.04 25.67
C ASP B 171 25.07 11.38 24.90
N PRO B 172 25.37 10.44 23.98
CA PRO B 172 24.32 9.77 23.19
C PRO B 172 23.30 9.03 24.05
N GLN B 173 23.70 8.61 25.25
CA GLN B 173 22.77 8.02 26.22
C GLN B 173 23.19 8.34 27.66
N PRO B 174 22.22 8.41 28.58
CA PRO B 174 22.53 8.51 30.00
C PRO B 174 23.27 7.29 30.54
N LEU B 175 24.14 7.52 31.54
CA LEU B 175 24.75 6.42 32.28
C LEU B 175 23.97 6.10 33.57
N LYS B 176 24.00 4.83 33.98
CA LYS B 176 23.36 4.38 35.20
C LYS B 176 24.26 4.67 36.40
N GLU B 177 23.69 5.30 37.43
CA GLU B 177 24.44 5.67 38.63
C GLU B 177 24.73 4.47 39.53
N GLN B 178 23.79 3.52 39.59
CA GLN B 178 23.95 2.25 40.31
C GLN B 178 23.68 1.11 39.32
N PRO B 179 24.68 0.75 38.47
CA PRO B 179 24.44 -0.23 37.39
C PRO B 179 24.08 -1.63 37.89
N ALA B 180 24.29 -1.88 39.18
CA ALA B 180 23.93 -3.14 39.84
C ALA B 180 22.42 -3.23 40.19
N LEU B 181 21.68 -2.16 39.94
CA LEU B 181 20.24 -2.10 40.25
C LEU B 181 19.36 -1.95 38.99
N ASN B 182 18.19 -2.59 39.03
CA ASN B 182 17.23 -2.60 37.92
C ASN B 182 16.49 -1.27 37.79
N ASP B 183 16.35 -0.56 38.92
CA ASP B 183 15.70 0.75 38.97
C ASP B 183 16.70 1.91 39.19
N SER B 184 17.90 1.77 38.64
CA SER B 184 18.96 2.75 38.82
C SER B 184 18.60 4.11 38.26
N ARG B 185 18.90 5.15 39.04
CA ARG B 185 18.86 6.53 38.58
C ARG B 185 19.93 6.79 37.51
N TYR B 186 19.73 7.85 36.72
CA TYR B 186 20.61 8.15 35.61
C TYR B 186 21.36 9.47 35.77
N SER B 187 22.50 9.55 35.08
CA SER B 187 23.24 10.79 34.92
C SER B 187 23.46 11.05 33.43
N LEU B 188 23.57 12.32 33.07
CA LEU B 188 23.83 12.74 31.70
C LEU B 188 24.72 13.98 31.74
N SER B 189 25.70 14.03 30.85
CA SER B 189 26.55 15.21 30.74
C SER B 189 26.53 15.80 29.33
N SER B 190 26.82 17.09 29.26
CA SER B 190 26.92 17.78 27.98
C SER B 190 28.05 18.81 28.06
N ARG B 191 28.56 19.19 26.91
CA ARG B 191 29.55 20.26 26.83
C ARG B 191 29.09 21.33 25.88
N LEU B 192 29.43 22.58 26.21
CA LEU B 192 29.39 23.68 25.26
C LEU B 192 30.75 24.33 25.27
N ARG B 193 31.35 24.43 24.08
CA ARG B 193 32.65 25.06 23.92
C ARG B 193 32.54 26.31 23.10
N VAL B 194 33.04 27.41 23.66
CA VAL B 194 33.03 28.73 23.02
C VAL B 194 34.47 29.27 23.04
N SER B 195 34.74 30.29 22.22
CA SER B 195 36.01 31.03 22.29
C SER B 195 36.15 31.68 23.65
N ALA B 196 37.40 31.82 24.11
CA ALA B 196 37.71 32.46 25.39
C ALA B 196 37.08 33.85 25.52
N THR B 197 37.16 34.66 24.47
CA THR B 197 36.59 36.02 24.49
C THR B 197 35.06 36.04 24.62
N PHE B 198 34.40 35.00 24.13
CA PHE B 198 32.95 34.89 24.27
C PHE B 198 32.59 34.58 25.72
N TRP B 199 33.26 33.61 26.32
CA TRP B 199 33.12 33.32 27.74
C TRP B 199 33.54 34.49 28.66
N GLN B 200 34.55 35.26 28.25
CA GLN B 200 35.06 36.37 29.07
C GLN B 200 34.13 37.60 29.13
N ASN B 201 33.22 37.67 28.16
CA ASN B 201 32.24 38.76 28.05
C ASN B 201 31.11 38.64 29.09
N PRO B 202 31.09 39.56 30.10
CA PRO B 202 30.14 39.45 31.20
C PRO B 202 28.67 39.75 30.83
N ARG B 203 28.41 40.09 29.58
CA ARG B 203 27.05 40.30 29.09
C ARG B 203 26.43 38.98 28.58
N ASN B 204 27.25 37.93 28.49
CA ASN B 204 26.78 36.62 28.03
C ASN B 204 26.31 35.76 29.17
N HIS B 205 25.04 35.39 29.06
CA HIS B 205 24.38 34.58 30.06
C HIS B 205 24.16 33.15 29.54
N PHE B 206 24.80 32.20 30.22
CA PHE B 206 24.78 30.78 29.82
C PHE B 206 23.82 29.98 30.69
N ARG B 207 23.02 29.14 30.03
CA ARG B 207 22.07 28.27 30.74
C ARG B 207 22.01 26.90 30.09
N CYS B 208 22.19 25.89 30.94
CA CYS B 208 21.96 24.51 30.59
C CYS B 208 20.59 24.16 31.14
N GLN B 209 19.74 23.61 30.27
CA GLN B 209 18.35 23.28 30.61
C GLN B 209 18.06 21.79 30.38
N VAL B 210 17.43 21.16 31.36
CA VAL B 210 16.95 19.79 31.20
C VAL B 210 15.44 19.73 31.31
N GLN B 211 14.80 19.36 30.20
CA GLN B 211 13.38 19.10 30.18
C GLN B 211 13.21 17.65 30.60
N PHE B 212 12.55 17.44 31.73
CA PHE B 212 12.34 16.11 32.27
C PHE B 212 10.87 15.71 32.03
N TYR B 213 10.66 14.46 31.62
CA TYR B 213 9.33 13.92 31.40
C TYR B 213 9.02 12.96 32.52
N GLY B 214 7.98 13.29 33.27
CA GLY B 214 7.58 12.51 34.44
C GLY B 214 6.08 12.39 34.49
N LEU B 215 5.53 12.58 35.69
CA LEU B 215 4.11 12.45 35.91
C LEU B 215 3.32 13.64 35.38
N SER B 216 2.08 13.36 35.00
CA SER B 216 1.12 14.39 34.72
C SER B 216 0.48 14.84 36.04
N GLU B 217 -0.21 15.98 36.00
CA GLU B 217 -0.98 16.51 37.14
C GLU B 217 -2.04 15.53 37.66
N ASN B 218 -2.58 14.72 36.76
CA ASN B 218 -3.65 13.77 37.07
C ASN B 218 -3.20 12.35 37.45
N ASP B 219 -1.88 12.11 37.41
CA ASP B 219 -1.32 10.85 37.89
C ASP B 219 -1.37 10.82 39.41
N GLU B 220 -1.76 9.66 39.96
CA GLU B 220 -1.84 9.47 41.42
C GLU B 220 -0.43 9.44 42.01
N TRP B 221 -0.28 10.03 43.20
CA TRP B 221 1.00 10.01 43.92
C TRP B 221 0.76 9.77 45.39
N THR B 222 1.36 8.70 45.91
CA THR B 222 1.09 8.24 47.28
C THR B 222 2.29 8.40 48.23
N GLN B 223 3.43 8.80 47.69
CA GLN B 223 4.65 8.98 48.47
C GLN B 223 4.75 10.36 49.10
N ASP B 224 5.61 10.48 50.12
CA ASP B 224 5.81 11.71 50.88
C ASP B 224 6.54 12.80 50.07
N ARG B 225 7.55 12.39 49.28
CA ARG B 225 8.33 13.31 48.44
C ARG B 225 7.48 14.03 47.39
N ALA B 226 7.98 15.17 46.93
CA ALA B 226 7.34 15.98 45.89
C ALA B 226 6.99 15.12 44.67
N LYS B 227 5.79 15.33 44.15
CA LYS B 227 5.32 14.64 42.95
C LYS B 227 6.27 14.91 41.76
N PRO B 228 6.86 13.84 41.17
CA PRO B 228 7.88 14.03 40.12
C PRO B 228 7.26 14.31 38.74
N VAL B 229 6.66 15.50 38.64
CA VAL B 229 5.95 15.91 37.42
C VAL B 229 6.94 16.26 36.32
N THR B 230 6.48 16.17 35.07
CA THR B 230 7.15 16.78 33.93
C THR B 230 7.54 18.22 34.28
N GLN B 231 8.81 18.58 34.08
CA GLN B 231 9.33 19.89 34.50
C GLN B 231 10.67 20.20 33.84
N ILE B 232 11.02 21.47 33.85
CA ILE B 232 12.35 21.92 33.46
C ILE B 232 13.20 22.13 34.71
N VAL B 233 14.42 21.62 34.69
CA VAL B 233 15.42 21.95 35.70
C VAL B 233 16.60 22.56 34.97
N SER B 234 17.12 23.69 35.47
CA SER B 234 18.23 24.36 34.79
C SER B 234 19.30 24.91 35.72
N ALA B 235 20.44 25.24 35.15
CA ALA B 235 21.60 25.80 35.85
C ALA B 235 22.23 26.84 34.93
N GLU B 236 22.80 27.86 35.53
CA GLU B 236 23.01 29.13 34.87
C GLU B 236 24.33 29.75 35.34
N ALA B 237 25.02 30.48 34.46
CA ALA B 237 26.22 31.27 34.80
C ALA B 237 26.45 32.39 33.80
N TRP B 238 27.00 33.49 34.28
CA TRP B 238 27.43 34.61 33.42
C TRP B 238 28.91 34.52 33.08
N GLY B 239 29.28 34.96 31.89
CA GLY B 239 30.68 35.17 31.54
C GLY B 239 31.38 36.18 32.45
N ARG B 240 32.71 36.21 32.41
CA ARG B 240 33.54 37.08 33.28
C ARG B 240 34.97 37.14 32.76
N ALA B 241 35.65 38.27 33.01
CA ALA B 241 37.02 38.50 32.55
C ALA B 241 38.05 37.59 33.22
N ASN C 7 -14.86 -6.67 -40.04
CA ASN C 7 -15.08 -5.71 -38.91
C ASN C 7 -15.33 -6.42 -37.57
N TYR C 8 -14.34 -6.38 -36.67
CA TYR C 8 -14.33 -7.21 -35.47
C TYR C 8 -14.14 -6.45 -34.18
N THR C 9 -14.94 -6.80 -33.18
CA THR C 9 -14.80 -6.25 -31.82
C THR C 9 -14.18 -7.29 -30.88
N PHE C 10 -13.06 -6.89 -30.27
CA PHE C 10 -12.35 -7.65 -29.25
C PHE C 10 -12.72 -7.09 -27.89
N ARG C 11 -13.23 -7.96 -27.02
CA ARG C 11 -13.77 -7.56 -25.72
C ARG C 11 -13.19 -8.41 -24.60
N CYS C 12 -12.55 -7.74 -23.66
CA CYS C 12 -12.13 -8.33 -22.41
C CYS C 12 -13.17 -7.95 -21.38
N LEU C 13 -13.89 -8.95 -20.90
CA LEU C 13 -15.00 -8.74 -19.97
C LEU C 13 -14.64 -9.30 -18.60
N GLN C 14 -14.53 -8.40 -17.63
CA GLN C 14 -14.20 -8.76 -16.26
C GLN C 14 -15.37 -8.47 -15.32
N MET C 15 -15.67 -9.43 -14.45
CA MET C 15 -16.74 -9.34 -13.46
C MET C 15 -16.15 -9.59 -12.11
N SER C 16 -16.43 -8.69 -11.19
CA SER C 16 -15.99 -8.87 -9.82
C SER C 16 -17.13 -8.69 -8.85
N SER C 17 -17.22 -9.61 -7.88
CA SER C 17 -18.17 -9.52 -6.79
C SER C 17 -17.44 -9.37 -5.46
N PHE C 18 -17.73 -8.29 -4.75
CA PHE C 18 -17.21 -8.05 -3.40
C PHE C 18 -18.39 -8.18 -2.43
N ALA C 19 -18.44 -9.27 -1.66
CA ALA C 19 -19.59 -9.55 -0.75
C ALA C 19 -19.54 -8.75 0.54
N ASN C 20 -18.33 -8.60 1.09
CA ASN C 20 -18.07 -7.85 2.32
C ASN C 20 -16.58 -7.48 2.29
N ARG C 21 -16.05 -6.91 3.38
CA ARG C 21 -14.66 -6.42 3.40
C ARG C 21 -13.57 -7.47 3.18
N SER C 22 -13.90 -8.75 3.39
CA SER C 22 -12.90 -9.81 3.24
C SER C 22 -13.07 -10.70 2.00
N TRP C 23 -14.31 -10.94 1.57
CA TRP C 23 -14.62 -11.88 0.48
C TRP C 23 -14.80 -11.20 -0.87
N SER C 24 -14.08 -11.71 -1.87
CA SER C 24 -14.24 -11.24 -3.26
C SER C 24 -13.77 -12.28 -4.29
N ARG C 25 -14.28 -12.18 -5.52
CA ARG C 25 -13.72 -12.92 -6.65
C ARG C 25 -13.80 -12.09 -7.95
N THR C 26 -12.86 -12.35 -8.85
CA THR C 26 -12.77 -11.67 -10.13
C THR C 26 -12.58 -12.72 -11.21
N ASP C 27 -13.46 -12.70 -12.21
CA ASP C 27 -13.43 -13.63 -13.33
C ASP C 27 -13.51 -12.86 -14.65
N SER C 28 -12.77 -13.35 -15.64
CA SER C 28 -12.68 -12.72 -16.96
C SER C 28 -12.95 -13.70 -18.08
N VAL C 29 -13.57 -13.19 -19.14
CA VAL C 29 -13.68 -13.91 -20.42
C VAL C 29 -13.28 -12.94 -21.53
N VAL C 30 -12.71 -13.48 -22.61
CA VAL C 30 -12.27 -12.65 -23.71
C VAL C 30 -12.93 -13.13 -25.00
N TRP C 31 -13.51 -12.20 -25.75
CA TRP C 31 -14.21 -12.49 -27.01
C TRP C 31 -13.59 -11.75 -28.20
N LEU C 32 -13.48 -12.46 -29.31
CA LEU C 32 -13.19 -11.83 -30.59
C LEU C 32 -14.39 -12.12 -31.49
N GLY C 33 -15.17 -11.07 -31.75
CA GLY C 33 -16.52 -11.22 -32.30
C GLY C 33 -17.33 -12.01 -31.28
N ASP C 34 -17.92 -13.11 -31.75
CA ASP C 34 -18.65 -14.00 -30.87
C ASP C 34 -17.87 -15.32 -30.58
N LEU C 35 -16.56 -15.31 -30.80
CA LEU C 35 -15.72 -16.47 -30.45
C LEU C 35 -14.88 -16.22 -29.21
N GLN C 36 -14.98 -17.11 -28.21
CA GLN C 36 -14.20 -16.96 -26.98
C GLN C 36 -12.73 -17.33 -27.19
N THR C 37 -11.85 -16.43 -26.77
CA THR C 37 -10.40 -16.60 -26.95
C THR C 37 -9.66 -16.89 -25.66
N HIS C 38 -10.14 -16.34 -24.54
CA HIS C 38 -9.47 -16.54 -23.24
C HIS C 38 -10.47 -16.69 -22.11
N ARG C 39 -10.00 -17.24 -21.01
CA ARG C 39 -10.78 -17.36 -19.81
C ARG C 39 -9.78 -17.12 -18.70
N TRP C 40 -10.20 -16.37 -17.68
CA TRP C 40 -9.39 -16.21 -16.49
C TRP C 40 -10.25 -16.28 -15.25
N SER C 41 -10.27 -17.48 -14.69
CA SER C 41 -11.04 -17.78 -13.48
C SER C 41 -10.32 -17.22 -12.26
N ASN C 42 -11.09 -16.77 -11.27
CA ASN C 42 -10.53 -16.41 -9.96
C ASN C 42 -9.63 -17.49 -9.36
N ASP C 43 -9.98 -18.76 -9.58
CA ASP C 43 -9.24 -19.93 -9.05
C ASP C 43 -7.89 -20.11 -9.71
N SER C 44 -7.73 -19.57 -10.93
CA SER C 44 -6.49 -19.76 -11.69
C SER C 44 -5.48 -18.62 -11.54
N ALA C 45 -4.21 -19.01 -11.41
CA ALA C 45 -3.10 -18.06 -11.31
C ALA C 45 -2.78 -17.46 -12.67
N THR C 46 -3.09 -18.21 -13.73
CA THR C 46 -2.76 -17.83 -15.10
C THR C 46 -4.01 -17.71 -16.00
N ILE C 47 -3.90 -16.84 -17.01
CA ILE C 47 -4.93 -16.73 -18.06
C ILE C 47 -4.92 -17.99 -18.92
N SER C 48 -6.09 -18.57 -19.17
CA SER C 48 -6.20 -19.76 -20.04
C SER C 48 -6.57 -19.39 -21.47
N PHE C 49 -5.91 -20.04 -22.43
CA PHE C 49 -6.27 -19.94 -23.85
C PHE C 49 -7.42 -20.90 -24.08
N THR C 50 -8.47 -20.44 -24.75
CA THR C 50 -9.58 -21.33 -25.13
C THR C 50 -9.54 -21.66 -26.64
N LYS C 51 -8.54 -21.14 -27.35
CA LYS C 51 -8.31 -21.49 -28.75
C LYS C 51 -6.84 -21.84 -28.90
N PRO C 52 -6.47 -22.64 -29.93
CA PRO C 52 -5.02 -22.87 -30.15
C PRO C 52 -4.26 -21.59 -30.56
N TRP C 53 -4.96 -20.64 -31.14
CA TRP C 53 -4.36 -19.43 -31.66
C TRP C 53 -4.46 -18.21 -30.71
N SER C 54 -4.88 -18.45 -29.47
CA SER C 54 -5.15 -17.38 -28.48
C SER C 54 -3.96 -16.49 -28.11
N GLN C 55 -2.75 -16.98 -28.38
CA GLN C 55 -1.55 -16.18 -28.15
C GLN C 55 -1.31 -15.17 -29.29
N GLY C 56 -2.05 -15.33 -30.39
CA GLY C 56 -1.90 -14.49 -31.58
C GLY C 56 -0.52 -14.59 -32.18
N LYS C 57 0.07 -13.44 -32.50
CA LYS C 57 1.44 -13.38 -33.04
C LYS C 57 2.46 -12.97 -31.98
N LEU C 58 2.07 -12.99 -30.70
CA LEU C 58 3.03 -12.65 -29.64
C LEU C 58 4.01 -13.80 -29.36
N SER C 59 5.28 -13.44 -29.21
CA SER C 59 6.31 -14.38 -28.78
C SER C 59 6.03 -14.80 -27.33
N ASN C 60 6.72 -15.83 -26.87
CA ASN C 60 6.51 -16.35 -25.53
C ASN C 60 6.87 -15.32 -24.48
N GLN C 61 7.94 -14.58 -24.72
CA GLN C 61 8.41 -13.55 -23.81
C GLN C 61 7.43 -12.38 -23.69
N GLN C 62 6.85 -11.97 -24.82
CA GLN C 62 5.82 -10.92 -24.85
C GLN C 62 4.55 -11.34 -24.10
N TRP C 63 4.07 -12.55 -24.37
CA TRP C 63 2.92 -13.09 -23.66
C TRP C 63 3.15 -13.20 -22.13
N GLU C 64 4.30 -13.73 -21.72
CA GLU C 64 4.64 -13.88 -20.31
C GLU C 64 4.64 -12.54 -19.59
N LYS C 65 5.19 -11.53 -20.27
CA LYS C 65 5.23 -10.15 -19.79
C LYS C 65 3.84 -9.54 -19.64
N LEU C 66 2.99 -9.77 -20.63
CA LEU C 66 1.63 -9.24 -20.63
C LEU C 66 0.79 -9.93 -19.54
N GLN C 67 0.93 -11.24 -19.42
CA GLN C 67 0.25 -12.01 -18.39
C GLN C 67 0.68 -11.54 -17.00
N HIS C 68 1.99 -11.32 -16.82
CA HIS C 68 2.52 -10.88 -15.53
C HIS C 68 1.90 -9.53 -15.09
N MET C 69 1.80 -8.61 -16.04
CA MET C 69 1.14 -7.32 -15.82
C MET C 69 -0.33 -7.51 -15.36
N PHE C 70 -1.05 -8.41 -16.04
CA PHE C 70 -2.42 -8.76 -15.62
C PHE C 70 -2.48 -9.41 -14.24
N GLN C 71 -1.50 -10.29 -13.94
CA GLN C 71 -1.45 -10.92 -12.61
C GLN C 71 -1.26 -9.89 -11.49
N VAL C 72 -0.38 -8.91 -11.71
CA VAL C 72 -0.18 -7.81 -10.78
C VAL C 72 -1.47 -6.98 -10.71
N TYR C 73 -2.07 -6.72 -11.87
CA TYR C 73 -3.31 -5.98 -11.97
C TYR C 73 -4.43 -6.56 -11.10
N ARG C 74 -4.69 -7.87 -11.23
CA ARG C 74 -5.82 -8.49 -10.55
C ARG C 74 -5.74 -8.31 -9.03
N VAL C 75 -4.54 -8.56 -8.47
CA VAL C 75 -4.29 -8.43 -7.02
C VAL C 75 -4.44 -6.97 -6.59
N SER C 76 -3.94 -6.07 -7.41
CA SER C 76 -3.93 -4.64 -7.14
C SER C 76 -5.30 -4.03 -7.20
N PHE C 77 -6.02 -4.33 -8.28
CA PHE C 77 -7.44 -4.01 -8.44
C PHE C 77 -8.27 -4.38 -7.20
N THR C 78 -8.09 -5.60 -6.71
CA THR C 78 -8.87 -6.15 -5.61
C THR C 78 -8.70 -5.29 -4.36
N ARG C 79 -7.45 -5.01 -3.99
CA ARG C 79 -7.15 -4.15 -2.83
C ARG C 79 -7.65 -2.71 -3.05
N ASP C 80 -7.46 -2.18 -4.26
CA ASP C 80 -7.91 -0.82 -4.60
C ASP C 80 -9.40 -0.59 -4.38
N ILE C 81 -10.22 -1.52 -4.84
CA ILE C 81 -11.67 -1.45 -4.63
C ILE C 81 -11.98 -1.45 -3.13
N GLN C 82 -11.41 -2.42 -2.40
CA GLN C 82 -11.55 -2.50 -0.94
C GLN C 82 -11.15 -1.20 -0.27
N GLU C 83 -10.11 -0.55 -0.77
CA GLU C 83 -9.66 0.70 -0.17
C GLU C 83 -10.56 1.87 -0.53
N LEU C 84 -11.02 1.89 -1.79
CA LEU C 84 -11.94 2.93 -2.25
C LEU C 84 -13.29 2.88 -1.51
N VAL C 85 -13.73 1.66 -1.15
CA VAL C 85 -14.94 1.45 -0.33
C VAL C 85 -14.76 2.06 1.07
N LYS C 86 -13.61 1.79 1.70
CA LYS C 86 -13.22 2.41 2.98
C LYS C 86 -13.19 3.93 2.85
N MET C 87 -12.60 4.42 1.77
CA MET C 87 -12.51 5.85 1.52
C MET C 87 -13.88 6.54 1.40
N MET C 88 -14.82 5.92 0.70
CA MET C 88 -16.13 6.51 0.43
C MET C 88 -17.16 6.25 1.53
N SER C 89 -16.85 5.30 2.42
CA SER C 89 -17.67 4.93 3.58
C SER C 89 -18.15 6.16 4.37
N PRO C 90 -19.46 6.22 4.70
CA PRO C 90 -20.41 5.14 4.42
C PRO C 90 -21.36 5.44 3.25
N LYS C 91 -20.86 6.14 2.23
CA LYS C 91 -21.63 6.47 1.03
C LYS C 91 -21.98 5.18 0.26
N GLU C 92 -21.01 4.26 0.17
CA GLU C 92 -21.28 2.98 -0.47
C GLU C 92 -20.92 1.82 0.43
N ASP C 93 -21.75 0.77 0.35
CA ASP C 93 -21.52 -0.44 1.12
C ASP C 93 -21.59 -1.71 0.26
N TYR C 94 -20.93 -2.75 0.75
CA TYR C 94 -21.04 -4.11 0.21
C TYR C 94 -22.49 -4.62 0.34
N PRO C 95 -22.98 -5.51 -0.53
CA PRO C 95 -22.22 -6.11 -1.65
C PRO C 95 -22.02 -5.15 -2.84
N ILE C 96 -20.89 -5.31 -3.53
CA ILE C 96 -20.55 -4.46 -4.66
C ILE C 96 -20.20 -5.32 -5.88
N GLU C 97 -20.77 -4.94 -7.03
CA GLU C 97 -20.44 -5.54 -8.33
C GLU C 97 -19.68 -4.52 -9.16
N ILE C 98 -18.55 -4.94 -9.70
CA ILE C 98 -17.81 -4.11 -10.65
C ILE C 98 -17.65 -4.90 -11.93
N GLN C 99 -18.01 -4.26 -13.05
CA GLN C 99 -17.78 -4.86 -14.36
C GLN C 99 -16.87 -3.98 -15.19
N LEU C 100 -15.91 -4.61 -15.87
CA LEU C 100 -15.09 -3.92 -16.84
C LEU C 100 -15.30 -4.52 -18.20
N SER C 101 -15.37 -3.64 -19.20
CA SER C 101 -15.41 -4.03 -20.59
C SER C 101 -14.36 -3.19 -21.30
N ALA C 102 -13.32 -3.86 -21.78
CA ALA C 102 -12.15 -3.22 -22.34
C ALA C 102 -11.71 -3.98 -23.59
N GLY C 103 -11.21 -3.23 -24.56
CA GLY C 103 -10.75 -3.82 -25.80
C GLY C 103 -10.70 -2.79 -26.88
N CYS C 104 -10.82 -3.26 -28.12
CA CYS C 104 -10.71 -2.42 -29.30
C CYS C 104 -11.57 -2.97 -30.42
N GLU C 105 -12.16 -2.05 -31.19
CA GLU C 105 -12.87 -2.41 -32.41
C GLU C 105 -11.94 -2.19 -33.59
N MET C 106 -11.84 -3.18 -34.47
CA MET C 106 -10.88 -3.19 -35.58
C MET C 106 -11.55 -2.85 -36.89
N TYR C 107 -11.02 -1.83 -37.55
CA TYR C 107 -11.56 -1.31 -38.81
C TYR C 107 -10.63 -1.61 -40.00
N PRO C 108 -11.12 -1.42 -41.25
CA PRO C 108 -10.24 -1.61 -42.43
C PRO C 108 -9.06 -0.64 -42.43
N GLY C 109 -7.97 -1.06 -43.07
CA GLY C 109 -6.71 -0.32 -43.07
C GLY C 109 -5.94 -0.60 -41.79
N ASN C 110 -5.36 0.45 -41.21
CA ASN C 110 -4.68 0.34 -39.93
C ASN C 110 -5.45 1.10 -38.84
N ALA C 111 -6.78 1.14 -38.96
CA ALA C 111 -7.63 1.91 -38.04
C ALA C 111 -8.30 1.05 -36.96
N SER C 112 -8.35 1.60 -35.75
CA SER C 112 -9.06 0.99 -34.63
C SER C 112 -9.47 2.04 -33.59
N GLU C 113 -10.48 1.71 -32.78
CA GLU C 113 -10.82 2.50 -31.59
C GLU C 113 -10.77 1.58 -30.39
N SER C 114 -10.07 2.00 -29.36
CA SER C 114 -10.02 1.28 -28.10
C SER C 114 -11.01 1.84 -27.08
N PHE C 115 -11.40 1.02 -26.11
CA PHE C 115 -12.31 1.45 -25.06
C PHE C 115 -11.98 0.75 -23.74
N LEU C 116 -12.36 1.38 -22.65
CA LEU C 116 -12.28 0.76 -21.33
C LEU C 116 -13.43 1.37 -20.53
N HIS C 117 -14.50 0.59 -20.36
CA HIS C 117 -15.70 1.02 -19.64
C HIS C 117 -15.89 0.24 -18.36
N VAL C 118 -16.31 0.95 -17.31
CA VAL C 118 -16.47 0.40 -15.96
C VAL C 118 -17.91 0.63 -15.50
N ALA C 119 -18.57 -0.45 -15.09
CA ALA C 119 -19.89 -0.37 -14.48
C ALA C 119 -19.82 -0.71 -12.99
N PHE C 120 -20.68 -0.05 -12.22
CA PHE C 120 -20.73 -0.20 -10.78
C PHE C 120 -22.18 -0.48 -10.42
N GLN C 121 -22.44 -1.61 -9.75
CA GLN C 121 -23.80 -2.15 -9.51
C GLN C 121 -24.64 -2.19 -10.80
N GLY C 122 -24.01 -2.63 -11.89
CA GLY C 122 -24.68 -2.75 -13.18
C GLY C 122 -24.90 -1.48 -13.97
N LYS C 123 -24.33 -0.36 -13.51
CA LYS C 123 -24.47 0.91 -14.23
C LYS C 123 -23.11 1.43 -14.68
N TYR C 124 -23.02 1.74 -15.98
CA TYR C 124 -21.83 2.33 -16.58
C TYR C 124 -21.62 3.73 -15.98
N VAL C 125 -20.49 3.91 -15.31
CA VAL C 125 -20.19 5.14 -14.55
C VAL C 125 -18.83 5.78 -14.87
N VAL C 126 -17.88 4.95 -15.33
CA VAL C 126 -16.48 5.37 -15.49
C VAL C 126 -15.89 4.83 -16.79
N ARG C 127 -15.03 5.64 -17.43
CA ARG C 127 -14.25 5.18 -18.57
C ARG C 127 -12.83 5.73 -18.50
N PHE C 128 -11.92 5.07 -19.20
CA PHE C 128 -10.63 5.68 -19.51
C PHE C 128 -10.76 6.32 -20.89
N TRP C 129 -10.28 7.55 -21.00
CA TRP C 129 -10.37 8.31 -22.25
C TRP C 129 -9.18 9.25 -22.37
N GLY C 130 -8.42 9.10 -23.45
CA GLY C 130 -7.25 9.95 -23.68
C GLY C 130 -6.10 9.60 -22.75
N THR C 131 -6.00 10.33 -21.64
CA THR C 131 -4.86 10.17 -20.70
C THR C 131 -5.31 9.96 -19.27
N SER C 132 -6.63 9.86 -19.05
CA SER C 132 -7.16 9.79 -17.68
C SER C 132 -8.51 9.11 -17.55
N TRP C 133 -8.83 8.72 -16.32
CA TRP C 133 -10.16 8.23 -15.96
C TRP C 133 -11.15 9.40 -15.86
N GLN C 134 -12.37 9.15 -16.30
CA GLN C 134 -13.44 10.14 -16.17
C GLN C 134 -14.78 9.49 -15.91
N THR C 135 -15.65 10.21 -15.23
CA THR C 135 -17.04 9.80 -15.10
C THR C 135 -17.76 10.14 -16.39
N VAL C 136 -18.82 9.39 -16.68
CA VAL C 136 -19.66 9.65 -17.84
C VAL C 136 -20.99 10.30 -17.39
N PRO C 137 -21.82 10.80 -18.33
CA PRO C 137 -23.12 11.38 -17.92
C PRO C 137 -23.96 10.44 -17.08
N GLY C 138 -24.51 10.97 -15.98
CA GLY C 138 -25.42 10.20 -15.13
C GLY C 138 -24.75 9.60 -13.91
N ALA C 139 -23.43 9.73 -13.84
CA ALA C 139 -22.67 9.15 -12.74
C ALA C 139 -22.86 9.98 -11.50
N PRO C 140 -22.94 9.34 -10.32
CA PRO C 140 -23.05 10.14 -9.09
C PRO C 140 -21.79 10.96 -8.80
N SER C 141 -21.99 12.09 -8.12
CA SER C 141 -20.91 13.02 -7.82
C SER C 141 -19.83 12.49 -6.85
N TRP C 142 -20.19 11.53 -6.00
CA TRP C 142 -19.23 10.97 -5.03
C TRP C 142 -18.03 10.29 -5.70
N LEU C 143 -18.21 9.86 -6.96
CA LEU C 143 -17.15 9.23 -7.75
C LEU C 143 -15.99 10.16 -8.13
N ASP C 144 -16.17 11.48 -7.99
CA ASP C 144 -15.11 12.47 -8.24
C ASP C 144 -13.86 12.24 -7.37
N LEU C 145 -14.05 11.74 -6.15
CA LEU C 145 -12.94 11.44 -5.25
C LEU C 145 -12.14 10.21 -5.75
N PRO C 146 -12.80 9.02 -5.93
CA PRO C 146 -12.10 7.92 -6.63
C PRO C 146 -11.41 8.32 -7.94
N ILE C 147 -12.04 9.17 -8.75
CA ILE C 147 -11.44 9.62 -10.02
C ILE C 147 -10.13 10.39 -9.79
N LYS C 148 -10.16 11.30 -8.82
CA LYS C 148 -9.02 12.11 -8.46
C LYS C 148 -7.88 11.21 -7.93
N VAL C 149 -8.24 10.18 -7.19
CA VAL C 149 -7.28 9.24 -6.61
C VAL C 149 -6.64 8.38 -7.70
N LEU C 150 -7.48 7.83 -8.57
CA LEU C 150 -7.01 7.07 -9.73
C LEU C 150 -6.14 7.90 -10.67
N ASN C 151 -6.52 9.17 -10.86
CA ASN C 151 -5.75 10.05 -11.75
C ASN C 151 -4.45 10.54 -11.14
N ALA C 152 -4.31 10.39 -9.83
CA ALA C 152 -3.04 10.64 -9.16
C ALA C 152 -1.95 9.63 -9.56
N ASP C 153 -2.37 8.42 -9.94
CA ASP C 153 -1.45 7.31 -10.28
C ASP C 153 -0.95 7.41 -11.74
N GLN C 154 0.16 8.09 -11.96
CA GLN C 154 0.71 8.30 -13.31
C GLN C 154 1.21 7.02 -13.96
N GLY C 155 1.79 6.13 -13.15
CA GLY C 155 2.23 4.80 -13.61
C GLY C 155 1.10 3.99 -14.25
N THR C 156 -0.07 3.99 -13.62
CA THR C 156 -1.23 3.26 -14.15
C THR C 156 -1.73 3.91 -15.45
N SER C 157 -1.86 5.23 -15.46
CA SER C 157 -2.28 5.97 -16.66
C SER C 157 -1.35 5.70 -17.86
N ALA C 158 -0.04 5.69 -17.63
CA ALA C 158 0.94 5.39 -18.70
C ALA C 158 0.73 3.98 -19.22
N THR C 159 0.59 3.01 -18.32
CA THR C 159 0.35 1.59 -18.71
C THR C 159 -0.98 1.44 -19.48
N VAL C 160 -2.04 2.07 -18.99
CA VAL C 160 -3.35 1.94 -19.64
C VAL C 160 -3.32 2.56 -21.05
N GLN C 161 -2.70 3.74 -21.19
CA GLN C 161 -2.56 4.39 -22.50
C GLN C 161 -1.87 3.49 -23.53
N MET C 162 -0.81 2.82 -23.10
CA MET C 162 -0.08 1.89 -23.96
C MET C 162 -0.94 0.66 -24.30
N LEU C 163 -1.57 0.06 -23.30
CA LEU C 163 -2.51 -1.06 -23.53
C LEU C 163 -3.56 -0.76 -24.59
N LEU C 164 -4.17 0.41 -24.47
CA LEU C 164 -5.31 0.79 -25.29
C LEU C 164 -4.86 1.27 -26.66
N ASN C 165 -3.84 2.13 -26.71
CA ASN C 165 -3.38 2.73 -27.98
C ASN C 165 -2.60 1.77 -28.85
N ASP C 166 -1.80 0.91 -28.23
CA ASP C 166 -0.77 0.13 -28.93
C ASP C 166 -0.98 -1.38 -28.77
N THR C 167 -0.94 -1.87 -27.53
CA THR C 167 -1.03 -3.31 -27.27
C THR C 167 -2.29 -3.93 -27.87
N CYS C 168 -3.46 -3.38 -27.55
CA CYS C 168 -4.72 -3.96 -28.06
C CYS C 168 -4.78 -4.10 -29.59
N PRO C 169 -4.60 -2.99 -30.36
CA PRO C 169 -4.71 -3.22 -31.80
C PRO C 169 -3.65 -4.14 -32.38
N LEU C 170 -2.39 -4.01 -31.93
CA LEU C 170 -1.32 -4.93 -32.35
C LEU C 170 -1.65 -6.40 -32.05
N PHE C 171 -2.10 -6.68 -30.83
CA PHE C 171 -2.48 -8.05 -30.44
C PHE C 171 -3.61 -8.62 -31.28
N VAL C 172 -4.66 -7.82 -31.47
CA VAL C 172 -5.84 -8.25 -32.19
C VAL C 172 -5.56 -8.49 -33.69
N ARG C 173 -4.66 -7.68 -34.27
CA ARG C 173 -4.18 -7.93 -35.63
C ARG C 173 -3.53 -9.31 -35.75
N GLY C 174 -2.68 -9.65 -34.79
CA GLY C 174 -2.09 -10.99 -34.67
C GLY C 174 -3.13 -12.10 -34.52
N LEU C 175 -4.14 -11.87 -33.69
CA LEU C 175 -5.23 -12.84 -33.47
C LEU C 175 -6.02 -13.11 -34.73
N LEU C 176 -6.37 -12.04 -35.47
CA LEU C 176 -7.15 -12.16 -36.72
C LEU C 176 -6.41 -12.97 -37.78
N GLU C 177 -5.09 -12.80 -37.83
CA GLU C 177 -4.24 -13.58 -38.72
C GLU C 177 -4.19 -15.04 -38.24
N ALA C 178 -3.83 -15.23 -36.96
CA ALA C 178 -3.72 -16.59 -36.38
C ALA C 178 -5.04 -17.35 -36.34
N GLY C 179 -6.15 -16.67 -36.09
CA GLY C 179 -7.45 -17.34 -35.95
C GLY C 179 -8.33 -17.42 -37.17
N LYS C 180 -7.79 -17.03 -38.33
CA LYS C 180 -8.54 -16.87 -39.59
C LYS C 180 -9.48 -18.03 -39.91
N SER C 181 -8.99 -19.27 -39.83
CA SER C 181 -9.79 -20.43 -40.24
C SER C 181 -10.96 -20.72 -39.30
N ASP C 182 -10.81 -20.45 -38.02
CA ASP C 182 -11.94 -20.48 -37.08
C ASP C 182 -12.88 -19.29 -37.29
N LEU C 183 -12.31 -18.11 -37.52
CA LEU C 183 -13.11 -16.89 -37.69
C LEU C 183 -13.96 -16.97 -38.96
N GLU C 184 -13.44 -17.65 -39.98
CA GLU C 184 -14.13 -17.73 -41.26
C GLU C 184 -14.88 -19.06 -41.49
N LYS C 185 -14.98 -19.89 -40.44
CA LYS C 185 -15.69 -21.17 -40.54
C LYS C 185 -17.15 -21.02 -40.98
N GLN C 186 -17.61 -22.00 -41.75
CA GLN C 186 -19.00 -22.09 -42.18
C GLN C 186 -19.60 -23.41 -41.67
N GLU C 187 -20.70 -23.31 -40.93
CA GLU C 187 -21.39 -24.47 -40.38
C GLU C 187 -22.85 -24.45 -40.77
N LYS C 188 -23.33 -25.59 -41.25
CA LYS C 188 -24.69 -25.68 -41.79
C LYS C 188 -25.77 -25.68 -40.73
N PRO C 189 -26.86 -24.92 -40.97
CA PRO C 189 -28.03 -25.05 -40.12
C PRO C 189 -28.80 -26.34 -40.44
N VAL C 190 -29.42 -26.93 -39.43
CA VAL C 190 -30.38 -28.02 -39.62
C VAL C 190 -31.70 -27.55 -39.03
N ALA C 191 -32.77 -27.70 -39.79
CA ALA C 191 -34.10 -27.27 -39.36
C ALA C 191 -35.03 -28.45 -39.04
N TRP C 192 -36.05 -28.19 -38.21
CA TRP C 192 -37.15 -29.13 -37.96
C TRP C 192 -38.38 -28.37 -37.46
N LEU C 193 -39.56 -28.97 -37.61
CA LEU C 193 -40.83 -28.28 -37.34
C LEU C 193 -41.65 -28.90 -36.20
N SER C 194 -42.51 -28.10 -35.59
CA SER C 194 -43.40 -28.51 -34.51
C SER C 194 -44.50 -27.45 -34.28
N SER C 195 -45.44 -27.74 -33.40
CA SER C 195 -46.56 -26.83 -33.11
C SER C 195 -47.07 -26.85 -31.66
N VAL C 196 -47.73 -25.76 -31.26
CA VAL C 196 -48.29 -25.57 -29.90
C VAL C 196 -49.61 -24.77 -29.91
N PRO C 197 -50.47 -24.92 -28.87
CA PRO C 197 -51.66 -24.06 -28.75
C PRO C 197 -51.31 -22.62 -28.34
N GLY C 202 -59.32 -22.34 -31.43
CA GLY C 202 -58.67 -23.14 -32.46
C GLY C 202 -57.40 -22.50 -32.99
N HIS C 203 -56.55 -22.04 -32.07
CA HIS C 203 -55.29 -21.37 -32.42
C HIS C 203 -54.08 -22.29 -32.34
N ARG C 204 -53.25 -22.23 -33.38
CA ARG C 204 -52.05 -23.05 -33.52
C ARG C 204 -50.81 -22.21 -33.85
N GLN C 205 -49.80 -22.32 -33.00
CA GLN C 205 -48.50 -21.66 -33.21
C GLN C 205 -47.48 -22.67 -33.74
N LEU C 206 -47.17 -22.54 -35.02
CA LEU C 206 -46.13 -23.34 -35.68
C LEU C 206 -44.75 -22.80 -35.30
N VAL C 207 -43.78 -23.71 -35.16
CA VAL C 207 -42.41 -23.35 -34.81
C VAL C 207 -41.44 -23.97 -35.82
N CYS C 208 -40.63 -23.12 -36.44
CA CYS C 208 -39.50 -23.58 -37.24
C CYS C 208 -38.24 -23.44 -36.40
N HIS C 209 -37.57 -24.57 -36.16
CA HIS C 209 -36.35 -24.62 -35.36
C HIS C 209 -35.17 -24.65 -36.31
N VAL C 210 -34.16 -23.81 -36.05
CA VAL C 210 -32.97 -23.75 -36.89
C VAL C 210 -31.74 -23.76 -35.99
N SER C 211 -30.85 -24.73 -36.22
CA SER C 211 -29.77 -25.02 -35.29
C SER C 211 -28.50 -25.49 -35.95
N GLY C 212 -27.36 -25.09 -35.37
CA GLY C 212 -26.04 -25.51 -35.85
C GLY C 212 -25.34 -24.56 -36.83
N PHE C 213 -25.94 -23.41 -37.11
CA PHE C 213 -25.35 -22.48 -38.09
C PHE C 213 -24.27 -21.57 -37.53
N TYR C 214 -23.27 -21.30 -38.38
CA TYR C 214 -22.21 -20.32 -38.16
C TYR C 214 -21.69 -19.82 -39.53
N PRO C 215 -21.51 -18.50 -39.73
CA PRO C 215 -21.75 -17.43 -38.73
C PRO C 215 -23.20 -17.06 -38.46
N LYS C 216 -23.39 -16.10 -37.57
CA LYS C 216 -24.70 -15.63 -37.11
C LYS C 216 -25.73 -15.20 -38.18
N PRO C 217 -25.32 -14.41 -39.22
CA PRO C 217 -26.38 -13.94 -40.14
C PRO C 217 -27.13 -15.10 -40.81
N VAL C 218 -28.45 -15.06 -40.71
CA VAL C 218 -29.35 -16.11 -41.21
C VAL C 218 -30.74 -15.50 -41.54
N TRP C 219 -31.41 -16.10 -42.52
CA TRP C 219 -32.77 -15.67 -42.88
C TRP C 219 -33.74 -16.85 -42.75
N VAL C 220 -34.81 -16.65 -41.98
CA VAL C 220 -35.81 -17.71 -41.75
C VAL C 220 -37.23 -17.14 -41.94
N MET C 221 -37.98 -17.74 -42.87
CA MET C 221 -39.37 -17.35 -43.13
C MET C 221 -40.33 -18.51 -43.34
N TRP C 222 -41.56 -18.31 -42.85
CA TRP C 222 -42.69 -19.16 -43.22
C TRP C 222 -43.21 -18.77 -44.60
N MET C 223 -43.58 -19.79 -45.37
CA MET C 223 -43.85 -19.65 -46.80
C MET C 223 -45.06 -20.47 -47.22
N ARG C 224 -45.88 -19.91 -48.11
CA ARG C 224 -46.83 -20.68 -48.89
C ARG C 224 -46.45 -20.54 -50.37
N GLY C 225 -45.65 -21.50 -50.84
CA GLY C 225 -45.12 -21.51 -52.21
C GLY C 225 -44.04 -20.46 -52.44
N ASP C 226 -44.40 -19.46 -53.24
CA ASP C 226 -43.56 -18.29 -53.52
C ASP C 226 -43.88 -17.12 -52.58
N GLN C 227 -44.98 -17.24 -51.83
CA GLN C 227 -45.46 -16.17 -50.98
C GLN C 227 -44.85 -16.24 -49.58
N GLU C 228 -44.11 -15.20 -49.23
CA GLU C 228 -43.55 -15.01 -47.89
C GLU C 228 -44.67 -14.65 -46.92
N GLN C 229 -44.81 -15.45 -45.87
CA GLN C 229 -45.79 -15.15 -44.81
C GLN C 229 -45.20 -14.09 -43.90
N GLN C 230 -45.76 -12.88 -44.00
CA GLN C 230 -45.26 -11.72 -43.26
C GLN C 230 -45.82 -11.62 -41.84
N GLY C 231 -46.09 -12.78 -41.23
CA GLY C 231 -46.50 -12.88 -39.83
C GLY C 231 -45.44 -13.55 -38.96
N THR C 232 -44.41 -14.12 -39.60
CA THR C 232 -43.26 -14.75 -38.94
C THR C 232 -42.66 -13.86 -37.85
N HIS C 233 -42.62 -14.37 -36.61
CA HIS C 233 -41.88 -13.75 -35.52
C HIS C 233 -40.57 -14.48 -35.30
N ARG C 234 -39.47 -13.82 -35.68
CA ARG C 234 -38.11 -14.29 -35.44
C ARG C 234 -37.82 -14.21 -33.94
N GLY C 235 -37.36 -15.32 -33.35
CA GLY C 235 -36.91 -15.34 -31.95
C GLY C 235 -35.52 -14.73 -31.79
N ASP C 236 -34.96 -14.85 -30.59
CA ASP C 236 -33.57 -14.44 -30.32
C ASP C 236 -32.55 -15.47 -30.83
N PHE C 237 -31.35 -15.00 -31.10
CA PHE C 237 -30.20 -15.88 -31.33
C PHE C 237 -29.78 -16.45 -29.98
N LEU C 238 -29.76 -17.80 -29.91
CA LEU C 238 -29.35 -18.50 -28.69
C LEU C 238 -28.12 -19.34 -29.02
N PRO C 239 -27.12 -19.38 -28.11
CA PRO C 239 -25.91 -20.13 -28.48
C PRO C 239 -26.09 -21.62 -28.26
N ASN C 240 -25.38 -22.42 -29.06
CA ASN C 240 -25.08 -23.80 -28.75
C ASN C 240 -23.74 -23.88 -28.05
N ALA C 241 -23.45 -25.03 -27.44
CA ALA C 241 -22.20 -25.25 -26.70
C ALA C 241 -20.97 -25.38 -27.60
N ASP C 242 -21.18 -25.72 -28.86
CA ASP C 242 -20.08 -25.96 -29.81
C ASP C 242 -19.76 -24.73 -30.70
N GLU C 243 -20.08 -23.54 -30.20
CA GLU C 243 -19.88 -22.25 -30.89
C GLU C 243 -20.59 -22.18 -32.25
N THR C 244 -21.86 -22.64 -32.24
CA THR C 244 -22.77 -22.51 -33.37
C THR C 244 -23.99 -21.85 -32.78
N TRP C 245 -24.94 -21.47 -33.64
CA TRP C 245 -26.10 -20.70 -33.22
C TRP C 245 -27.42 -21.43 -33.36
N TYR C 246 -28.40 -20.98 -32.58
CA TYR C 246 -29.76 -21.49 -32.64
C TYR C 246 -30.73 -20.34 -32.79
N LEU C 247 -31.74 -20.53 -33.65
CA LEU C 247 -32.85 -19.59 -33.78
C LEU C 247 -34.15 -20.32 -34.11
N GLN C 248 -35.26 -19.79 -33.61
CA GLN C 248 -36.59 -20.25 -34.03
C GLN C 248 -37.50 -19.12 -34.52
N ALA C 249 -38.29 -19.45 -35.54
CA ALA C 249 -39.27 -18.53 -36.11
C ALA C 249 -40.69 -19.09 -35.97
N THR C 250 -41.57 -18.32 -35.34
CA THR C 250 -42.95 -18.75 -35.06
C THR C 250 -43.98 -18.05 -35.95
N LEU C 251 -45.03 -18.80 -36.34
CA LEU C 251 -46.17 -18.23 -37.06
C LEU C 251 -47.48 -18.63 -36.41
N ASP C 252 -48.36 -17.65 -36.18
CA ASP C 252 -49.70 -17.91 -35.66
C ASP C 252 -50.71 -18.11 -36.78
N VAL C 253 -51.36 -19.27 -36.76
CA VAL C 253 -52.36 -19.66 -37.76
C VAL C 253 -53.63 -20.27 -37.13
N GLU C 254 -54.72 -20.28 -37.91
CA GLU C 254 -55.95 -21.00 -37.57
C GLU C 254 -55.71 -22.50 -37.72
N ALA C 255 -56.39 -23.30 -36.89
CA ALA C 255 -56.35 -24.76 -37.03
C ALA C 255 -56.95 -25.18 -38.37
N GLY C 256 -56.32 -26.15 -39.03
CA GLY C 256 -56.72 -26.59 -40.37
C GLY C 256 -56.01 -25.85 -41.50
N GLU C 257 -55.45 -24.68 -41.17
CA GLU C 257 -54.77 -23.80 -42.13
C GLU C 257 -53.29 -24.21 -42.36
N GLU C 258 -52.87 -25.27 -41.66
CA GLU C 258 -51.50 -25.79 -41.68
C GLU C 258 -50.98 -26.25 -43.05
N ALA C 259 -51.89 -26.76 -43.89
CA ALA C 259 -51.54 -27.43 -45.15
C ALA C 259 -50.86 -26.50 -46.17
N GLY C 260 -49.85 -27.04 -46.85
CA GLY C 260 -49.11 -26.31 -47.88
C GLY C 260 -48.01 -25.38 -47.37
N LEU C 261 -48.01 -25.10 -46.07
CA LEU C 261 -47.02 -24.22 -45.44
C LEU C 261 -45.64 -24.84 -45.33
N ALA C 262 -44.62 -24.04 -45.64
CA ALA C 262 -43.22 -24.43 -45.54
C ALA C 262 -42.39 -23.39 -44.77
N CYS C 263 -41.27 -23.84 -44.21
CA CYS C 263 -40.26 -22.96 -43.62
C CYS C 263 -39.04 -22.94 -44.54
N ARG C 264 -38.68 -21.74 -45.01
CA ARG C 264 -37.48 -21.55 -45.81
C ARG C 264 -36.37 -20.90 -44.98
N VAL C 265 -35.18 -21.47 -45.08
CA VAL C 265 -33.99 -20.97 -44.38
C VAL C 265 -32.89 -20.61 -45.39
N LYS C 266 -32.35 -19.40 -45.22
CA LYS C 266 -31.21 -18.93 -46.01
C LYS C 266 -29.98 -18.68 -45.11
N HIS C 267 -28.86 -19.30 -45.47
CA HIS C 267 -27.59 -19.16 -44.73
C HIS C 267 -26.37 -19.39 -45.63
N SER C 268 -25.33 -18.58 -45.38
CA SER C 268 -24.08 -18.58 -46.13
C SER C 268 -23.34 -19.91 -46.27
N SER C 269 -23.61 -20.87 -45.38
CA SER C 269 -22.95 -22.18 -45.44
C SER C 269 -23.55 -23.10 -46.50
N LEU C 270 -24.76 -22.77 -46.96
CA LEU C 270 -25.53 -23.64 -47.86
C LEU C 270 -25.19 -23.51 -49.35
N GLY C 271 -24.53 -22.42 -49.72
CA GLY C 271 -24.14 -22.15 -51.11
C GLY C 271 -25.32 -22.03 -52.03
N GLY C 272 -26.32 -21.25 -51.63
CA GLY C 272 -27.53 -21.02 -52.42
C GLY C 272 -28.62 -22.08 -52.29
N GLN C 273 -28.21 -23.30 -51.95
CA GLN C 273 -29.10 -24.44 -51.80
C GLN C 273 -29.88 -24.34 -50.47
N ASP C 274 -30.95 -23.54 -50.47
CA ASP C 274 -31.78 -23.29 -49.29
C ASP C 274 -32.43 -24.55 -48.71
N ILE C 275 -32.79 -24.49 -47.44
CA ILE C 275 -33.57 -25.54 -46.80
C ILE C 275 -35.04 -25.15 -46.88
N ILE C 276 -35.84 -26.06 -47.43
CA ILE C 276 -37.30 -25.94 -47.50
C ILE C 276 -37.91 -27.17 -46.81
N LEU C 277 -38.68 -26.92 -45.76
CA LEU C 277 -39.39 -27.98 -45.05
C LEU C 277 -40.88 -27.72 -45.05
N TYR C 278 -41.62 -28.57 -45.73
CA TYR C 278 -43.08 -28.47 -45.80
C TYR C 278 -43.70 -29.16 -44.62
N TRP C 279 -44.73 -28.53 -44.05
CA TRP C 279 -45.49 -29.06 -42.92
C TRP C 279 -46.33 -30.26 -43.34
N GLN D 2 -31.73 -4.83 -9.33
CA GLN D 2 -31.89 -6.31 -9.47
C GLN D 2 -32.75 -6.68 -10.67
N LYS D 3 -32.38 -7.75 -11.37
CA LYS D 3 -33.09 -8.21 -12.57
C LYS D 3 -33.31 -9.72 -12.61
N THR D 4 -34.49 -10.10 -13.12
CA THR D 4 -35.01 -11.48 -13.13
C THR D 4 -34.47 -12.32 -14.31
N PRO D 5 -33.93 -13.53 -14.03
CA PRO D 5 -33.42 -14.39 -15.09
C PRO D 5 -34.50 -14.90 -16.06
N GLN D 6 -34.26 -14.69 -17.35
CA GLN D 6 -34.98 -15.37 -18.43
C GLN D 6 -34.31 -16.73 -18.70
N ILE D 7 -35.13 -17.76 -18.91
CA ILE D 7 -34.66 -19.13 -19.09
C ILE D 7 -35.21 -19.71 -20.40
N GLN D 8 -34.33 -20.23 -21.24
CA GLN D 8 -34.72 -20.87 -22.49
C GLN D 8 -34.09 -22.25 -22.62
N VAL D 9 -34.94 -23.26 -22.76
CA VAL D 9 -34.55 -24.67 -22.85
C VAL D 9 -34.83 -25.15 -24.30
N TYR D 10 -33.83 -25.78 -24.91
CA TYR D 10 -33.87 -26.13 -26.35
C TYR D 10 -32.78 -27.16 -26.62
N SER D 11 -32.97 -27.98 -27.66
CA SER D 11 -32.01 -29.04 -27.97
C SER D 11 -31.06 -28.64 -29.11
N ARG D 12 -29.87 -29.24 -29.13
CA ARG D 12 -28.84 -29.00 -30.16
C ARG D 12 -29.24 -29.56 -31.52
N HIS D 13 -29.80 -30.77 -31.50
CA HIS D 13 -30.15 -31.51 -32.70
C HIS D 13 -31.66 -31.74 -32.74
N PRO D 14 -32.23 -32.09 -33.92
CA PRO D 14 -33.68 -32.39 -33.93
C PRO D 14 -33.97 -33.56 -32.96
N PRO D 15 -35.02 -33.43 -32.12
CA PRO D 15 -35.28 -34.45 -31.11
C PRO D 15 -35.95 -35.72 -31.65
N GLU D 16 -35.31 -36.85 -31.42
CA GLU D 16 -35.84 -38.15 -31.77
C GLU D 16 -35.74 -39.11 -30.58
N ASN D 17 -36.88 -39.69 -30.19
CA ASN D 17 -36.93 -40.66 -29.10
C ASN D 17 -35.87 -41.75 -29.26
N GLY D 18 -35.10 -41.97 -28.20
CA GLY D 18 -34.07 -43.00 -28.19
C GLY D 18 -32.72 -42.63 -28.79
N LYS D 19 -32.60 -41.40 -29.32
CA LYS D 19 -31.33 -40.96 -29.94
C LYS D 19 -30.59 -39.95 -29.05
N PRO D 20 -29.30 -40.19 -28.76
CA PRO D 20 -28.51 -39.23 -27.97
C PRO D 20 -28.49 -37.82 -28.59
N ASN D 21 -28.64 -36.81 -27.73
CA ASN D 21 -28.76 -35.42 -28.14
C ASN D 21 -28.06 -34.58 -27.07
N ILE D 22 -28.12 -33.25 -27.20
CA ILE D 22 -27.66 -32.35 -26.14
C ILE D 22 -28.81 -31.39 -25.81
N LEU D 23 -29.05 -31.21 -24.51
CA LEU D 23 -30.04 -30.23 -24.06
C LEU D 23 -29.33 -29.00 -23.50
N ASN D 24 -29.80 -27.82 -23.93
CA ASN D 24 -29.24 -26.53 -23.54
C ASN D 24 -30.20 -25.76 -22.68
N CYS D 25 -29.68 -25.14 -21.62
CA CYS D 25 -30.45 -24.18 -20.84
C CYS D 25 -29.69 -22.85 -20.81
N TYR D 26 -30.29 -21.84 -21.44
CA TYR D 26 -29.69 -20.52 -21.61
C TYR D 26 -30.37 -19.55 -20.66
N VAL D 27 -29.60 -19.06 -19.68
CA VAL D 27 -30.09 -18.16 -18.64
C VAL D 27 -29.49 -16.77 -18.86
N THR D 28 -30.38 -15.79 -19.02
CA THR D 28 -30.02 -14.43 -19.45
C THR D 28 -30.67 -13.35 -18.60
N GLN D 29 -30.18 -12.12 -18.79
CA GLN D 29 -30.81 -10.87 -18.30
C GLN D 29 -30.89 -10.73 -16.77
N PHE D 30 -30.02 -11.41 -16.04
CA PHE D 30 -30.01 -11.35 -14.57
C PHE D 30 -28.89 -10.48 -14.00
N HIS D 31 -29.13 -9.96 -12.79
CA HIS D 31 -28.19 -9.15 -12.00
C HIS D 31 -28.69 -9.18 -10.55
N PRO D 32 -27.85 -9.51 -9.55
CA PRO D 32 -26.38 -9.74 -9.64
C PRO D 32 -25.97 -11.09 -10.27
N PRO D 33 -24.66 -11.32 -10.49
CA PRO D 33 -24.23 -12.56 -11.18
C PRO D 33 -24.37 -13.86 -10.38
N HIS D 34 -24.54 -13.79 -9.05
CA HIS D 34 -24.68 -15.01 -8.27
C HIS D 34 -25.99 -15.71 -8.61
N ILE D 35 -25.86 -16.97 -9.05
CA ILE D 35 -26.98 -17.74 -9.58
C ILE D 35 -26.71 -19.23 -9.39
N GLU D 36 -27.77 -20.01 -9.28
CA GLU D 36 -27.65 -21.45 -9.15
C GLU D 36 -28.57 -22.11 -10.18
N ILE D 37 -27.96 -22.93 -11.03
CA ILE D 37 -28.67 -23.54 -12.16
C ILE D 37 -28.55 -25.05 -12.08
N GLN D 38 -29.70 -25.72 -12.13
CA GLN D 38 -29.76 -27.17 -12.19
C GLN D 38 -30.52 -27.58 -13.44
N MET D 39 -30.02 -28.62 -14.10
CA MET D 39 -30.80 -29.24 -15.16
C MET D 39 -31.39 -30.54 -14.59
N LEU D 40 -32.67 -30.77 -14.90
CA LEU D 40 -33.42 -31.85 -14.28
C LEU D 40 -33.97 -32.87 -15.27
N LYS D 41 -33.79 -34.14 -14.95
CA LYS D 41 -34.49 -35.26 -15.59
C LYS D 41 -35.52 -35.80 -14.61
N ASN D 42 -36.80 -35.69 -14.97
CA ASN D 42 -37.95 -36.19 -14.17
C ASN D 42 -38.05 -35.53 -12.79
N GLY D 43 -37.60 -34.26 -12.73
CA GLY D 43 -37.53 -33.49 -11.50
C GLY D 43 -36.36 -33.83 -10.60
N LYS D 44 -35.42 -34.65 -11.10
CA LYS D 44 -34.20 -35.03 -10.38
C LYS D 44 -32.97 -34.42 -11.05
N LYS D 45 -32.03 -33.94 -10.23
CA LYS D 45 -30.81 -33.27 -10.69
C LYS D 45 -29.91 -34.18 -11.52
N ILE D 46 -29.66 -33.77 -12.77
CA ILE D 46 -28.74 -34.47 -13.70
C ILE D 46 -27.29 -34.26 -13.24
N PRO D 47 -26.50 -35.36 -13.14
CA PRO D 47 -25.11 -35.32 -12.63
C PRO D 47 -24.09 -34.43 -13.37
N LYS D 48 -23.77 -34.72 -14.62
CA LYS D 48 -22.55 -34.17 -15.24
C LYS D 48 -22.78 -32.89 -16.11
N VAL D 49 -23.59 -31.98 -15.59
CA VAL D 49 -24.01 -30.75 -16.30
C VAL D 49 -22.81 -29.81 -16.53
N GLU D 50 -22.52 -29.54 -17.80
CA GLU D 50 -21.46 -28.59 -18.17
C GLU D 50 -21.96 -27.15 -18.15
N MET D 51 -21.13 -26.24 -17.69
CA MET D 51 -21.43 -24.81 -17.73
C MET D 51 -20.41 -24.05 -18.57
N SER D 52 -20.90 -23.12 -19.40
CA SER D 52 -20.04 -22.15 -20.06
C SER D 52 -19.58 -21.15 -18.99
N ASP D 53 -18.54 -20.36 -19.30
CA ASP D 53 -18.12 -19.30 -18.38
C ASP D 53 -19.20 -18.22 -18.35
N MET D 54 -19.37 -17.57 -17.22
CA MET D 54 -20.32 -16.47 -17.20
C MET D 54 -19.77 -15.29 -17.99
N SER D 55 -20.65 -14.62 -18.72
CA SER D 55 -20.28 -13.45 -19.49
C SER D 55 -21.40 -12.42 -19.29
N PHE D 56 -21.25 -11.24 -19.89
CA PHE D 56 -22.30 -10.23 -19.86
C PHE D 56 -22.45 -9.51 -21.20
N SER D 57 -23.64 -8.93 -21.40
CA SER D 57 -24.03 -8.24 -22.63
C SER D 57 -23.62 -6.77 -22.62
N LYS D 58 -23.90 -6.10 -23.75
CA LYS D 58 -23.73 -4.65 -23.92
C LYS D 58 -24.42 -3.85 -22.84
N ASP D 59 -25.57 -4.34 -22.40
CA ASP D 59 -26.40 -3.71 -21.37
C ASP D 59 -25.95 -4.07 -19.93
N TRP D 60 -24.86 -4.83 -19.81
CA TRP D 60 -24.24 -5.21 -18.52
C TRP D 60 -24.93 -6.37 -17.75
N SER D 61 -26.05 -6.87 -18.27
CA SER D 61 -26.71 -8.04 -17.69
C SER D 61 -25.98 -9.32 -18.07
N PHE D 62 -25.98 -10.25 -17.13
CA PHE D 62 -25.24 -11.48 -17.23
C PHE D 62 -25.98 -12.56 -18.02
N TYR D 63 -25.23 -13.53 -18.52
CA TYR D 63 -25.78 -14.71 -19.20
C TYR D 63 -24.83 -15.87 -19.05
N ILE D 64 -25.37 -17.08 -19.07
CA ILE D 64 -24.57 -18.30 -18.94
C ILE D 64 -25.30 -19.45 -19.64
N LEU D 65 -24.53 -20.40 -20.18
CA LEU D 65 -25.11 -21.56 -20.85
C LEU D 65 -24.80 -22.88 -20.12
N ALA D 66 -25.86 -23.60 -19.74
CA ALA D 66 -25.74 -24.97 -19.24
C ALA D 66 -26.13 -25.93 -20.34
N HIS D 67 -25.40 -27.04 -20.44
CA HIS D 67 -25.78 -28.11 -21.37
C HIS D 67 -25.42 -29.47 -20.83
N THR D 68 -26.18 -30.47 -21.27
CA THR D 68 -25.98 -31.86 -20.86
C THR D 68 -26.40 -32.82 -21.97
N GLU D 69 -25.70 -33.95 -22.04
CA GLU D 69 -26.15 -35.09 -22.84
C GLU D 69 -27.46 -35.63 -22.30
N PHE D 70 -28.37 -35.95 -23.22
CA PHE D 70 -29.64 -36.58 -22.89
C PHE D 70 -30.14 -37.35 -24.10
N THR D 71 -30.99 -38.32 -23.84
CA THR D 71 -31.65 -39.09 -24.88
C THR D 71 -33.14 -38.93 -24.59
N PRO D 72 -33.87 -38.21 -25.47
CA PRO D 72 -35.29 -38.01 -25.22
C PRO D 72 -36.08 -39.32 -25.41
N THR D 73 -37.17 -39.46 -24.65
CA THR D 73 -38.07 -40.61 -24.71
C THR D 73 -39.51 -40.14 -24.63
N GLU D 74 -40.44 -41.08 -24.85
CA GLU D 74 -41.88 -40.88 -24.72
C GLU D 74 -42.29 -40.34 -23.34
N THR D 75 -41.69 -40.89 -22.28
CA THR D 75 -42.13 -40.64 -20.90
C THR D 75 -41.37 -39.54 -20.14
N ASP D 76 -40.05 -39.49 -20.31
CA ASP D 76 -39.16 -38.62 -19.51
C ASP D 76 -39.36 -37.12 -19.70
N THR D 77 -39.42 -36.39 -18.59
CA THR D 77 -39.47 -34.93 -18.61
C THR D 77 -38.08 -34.34 -18.35
N TYR D 78 -37.85 -33.16 -18.90
CA TYR D 78 -36.57 -32.48 -18.76
C TYR D 78 -36.81 -31.03 -18.44
N ALA D 79 -36.06 -30.52 -17.47
CA ALA D 79 -36.27 -29.16 -16.97
C ALA D 79 -34.97 -28.43 -16.59
N CYS D 80 -35.07 -27.11 -16.48
CA CYS D 80 -33.99 -26.28 -15.98
C CYS D 80 -34.52 -25.45 -14.83
N ARG D 81 -33.88 -25.61 -13.67
CA ARG D 81 -34.27 -24.97 -12.42
C ARG D 81 -33.23 -23.95 -11.97
N VAL D 82 -33.70 -22.71 -11.77
CA VAL D 82 -32.85 -21.56 -11.52
C VAL D 82 -33.20 -20.88 -10.20
N LYS D 83 -32.20 -20.75 -9.34
CA LYS D 83 -32.31 -20.01 -8.08
C LYS D 83 -31.56 -18.68 -8.21
N HIS D 84 -32.26 -17.59 -7.92
CA HIS D 84 -31.72 -16.23 -8.02
C HIS D 84 -32.43 -15.28 -7.06
N ALA D 85 -31.65 -14.40 -6.43
CA ALA D 85 -32.14 -13.49 -5.38
C ALA D 85 -33.36 -12.65 -5.79
N SER D 86 -33.46 -12.33 -7.08
CA SER D 86 -34.60 -11.58 -7.63
C SER D 86 -35.94 -12.33 -7.58
N MET D 87 -35.89 -13.62 -7.25
CA MET D 87 -37.07 -14.47 -7.19
C MET D 87 -37.22 -15.09 -5.80
N ALA D 88 -38.46 -15.14 -5.33
CA ALA D 88 -38.76 -15.70 -4.01
C ALA D 88 -38.64 -17.21 -4.05
N GLU D 89 -39.12 -17.80 -5.16
CA GLU D 89 -39.05 -19.24 -5.39
C GLU D 89 -38.17 -19.55 -6.60
N PRO D 90 -37.52 -20.74 -6.61
CA PRO D 90 -36.87 -21.23 -7.84
C PRO D 90 -37.84 -21.25 -9.03
N LYS D 91 -37.38 -20.77 -10.18
CA LYS D 91 -38.15 -20.86 -11.42
C LYS D 91 -37.72 -22.10 -12.18
N THR D 92 -38.71 -22.87 -12.61
CA THR D 92 -38.51 -24.08 -13.41
C THR D 92 -39.12 -23.87 -14.80
N VAL D 93 -38.33 -24.17 -15.83
CA VAL D 93 -38.78 -24.15 -17.22
C VAL D 93 -38.59 -25.55 -17.81
N TYR D 94 -39.69 -26.14 -18.26
CA TYR D 94 -39.70 -27.49 -18.85
C TYR D 94 -39.36 -27.46 -20.33
N TRP D 95 -38.59 -28.45 -20.76
CA TRP D 95 -38.32 -28.65 -22.18
C TRP D 95 -39.61 -29.00 -22.93
N ASP D 96 -39.98 -28.12 -23.87
CA ASP D 96 -41.24 -28.15 -24.63
C ASP D 96 -41.42 -29.38 -25.51
N ARG D 97 -40.32 -29.89 -26.05
CA ARG D 97 -40.29 -30.86 -27.18
C ARG D 97 -40.76 -30.23 -28.48
N ASP D 98 -41.84 -29.45 -28.41
CA ASP D 98 -42.46 -28.79 -29.56
C ASP D 98 -42.18 -27.29 -29.60
C1 NAG E . -3.18 7.42 -26.37
C2 NAG E . -2.09 8.49 -26.20
C3 NAG E . -2.69 9.78 -25.65
C4 NAG E . -3.90 10.28 -26.43
C5 NAG E . -4.89 9.13 -26.69
C6 NAG E . -6.05 9.55 -27.61
C7 NAG E . 0.09 7.42 -25.76
C8 NAG E . 1.12 7.13 -24.71
N2 NAG E . -0.99 8.08 -25.35
O3 NAG E . -1.66 10.77 -25.54
O4 NAG E . -4.60 11.25 -25.63
O5 NAG E . -4.23 7.94 -27.20
O6 NAG E . -6.81 8.41 -28.09
O7 NAG E . 0.22 7.05 -26.92
C1 NAG E . -4.37 12.62 -26.03
C2 NAG E . -5.60 13.48 -25.69
C3 NAG E . -5.30 14.96 -25.97
C4 NAG E . -4.07 15.42 -25.18
C5 NAG E . -2.86 14.53 -25.53
C6 NAG E . -1.65 14.85 -24.66
C7 NAG E . -8.01 12.91 -25.81
C8 NAG E . -9.13 12.46 -26.71
N2 NAG E . -6.81 13.06 -26.40
O3 NAG E . -6.43 15.75 -25.61
O4 NAG E . -3.80 16.79 -25.44
O5 NAG E . -3.19 13.13 -25.37
O6 NAG E . -0.74 13.74 -24.65
O7 NAG E . -8.21 13.09 -24.62
C1 FUC E . -8.07 8.17 -27.39
C2 FUC E . -8.93 7.17 -28.19
C3 FUC E . -8.37 5.73 -28.07
C4 FUC E . -8.23 5.31 -26.59
C5 FUC E . -7.33 6.36 -25.93
C6 FUC E . -6.92 6.04 -24.49
O2 FUC E . -9.04 7.55 -29.57
O3 FUC E . -9.17 4.79 -28.79
O4 FUC E . -9.51 5.24 -25.94
O5 FUC E . -7.92 7.68 -26.03
NA NA F . -3.92 1.41 1.22
NA NA G . 8.12 -0.83 14.01
NA NA H . -0.43 9.36 0.67
C1 NAG I . -18.59 -12.52 3.41
C2 NAG I . -18.94 -13.24 4.73
C3 NAG I . -18.95 -14.77 4.59
C4 NAG I . -19.79 -15.20 3.39
C5 NAG I . -19.19 -14.53 2.14
C6 NAG I . -19.80 -15.00 0.83
C7 NAG I . -18.33 -12.13 6.83
C8 NAG I . -17.23 -11.86 7.80
N2 NAG I . -18.00 -12.86 5.77
O3 NAG I . -19.44 -15.37 5.79
O4 NAG I . -19.83 -16.63 3.29
O5 NAG I . -19.28 -13.11 2.28
O6 NAG I . -21.12 -14.45 0.67
O7 NAG I . -19.46 -11.70 7.02
C1 NAG J . -10.09 -15.35 -5.48
C2 NAG J . -10.42 -16.03 -4.14
C3 NAG J . -9.65 -15.42 -2.95
C4 NAG J . -8.14 -15.34 -3.24
C5 NAG J . -7.91 -14.61 -4.59
C6 NAG J . -6.42 -14.59 -4.97
C7 NAG J . -12.65 -16.96 -3.82
C8 NAG J . -14.08 -16.63 -3.54
N2 NAG J . -11.84 -15.91 -3.87
O3 NAG J . -9.86 -16.23 -1.80
O4 NAG J . -7.43 -14.72 -2.14
O5 NAG J . -8.66 -15.25 -5.65
O6 NAG J . -6.04 -15.90 -5.42
O7 NAG J . -12.29 -18.11 -3.99
C1 EM4 K . -1.85 -1.06 -14.28
C2 EM4 K . -2.66 -1.77 -15.38
C3 EM4 K . -4.11 -1.30 -15.35
C4 EM4 K . -4.88 -2.17 -16.35
C5 EM4 K . -6.37 -1.82 -16.33
C6 EM4 K . -7.09 -2.28 -17.62
C7 EM4 K . -7.24 -3.79 -17.69
O1 EM4 K . -9.30 -1.41 -12.75
O3 EM4 K . -3.45 -0.57 -8.45
O4 EM4 K . -0.52 -0.03 -9.82
O5 EM4 K . 0.23 2.33 -8.65
O6 EM4 K . 1.94 3.24 -10.71
O7 EM4 K . 3.74 1.17 -10.68
C52 EM4 K . -7.19 -3.62 -21.93
C51 EM4 K . -7.18 -4.20 -23.35
C50 EM4 K . -6.50 -5.57 -23.31
C49 EM4 K . -5.18 -5.51 -24.09
C48 EM4 K . -5.11 -6.70 -25.04
C47 EM4 K . -4.31 -7.87 -24.45
C46 EM4 K . -5.17 -9.13 -24.52
C45 EM4 K . -4.66 -10.22 -23.57
C44 EM4 K . -5.83 -11.08 -23.02
C39 EM4 K . -6.54 -10.35 -21.87
C38 EM4 K . -6.86 -11.26 -20.69
C37 EM4 K . -6.97 -10.41 -19.40
C36 EM4 K . -8.43 -10.02 -19.14
C35 EM4 K . -8.57 -9.15 -17.89
C43 EM4 K . -9.49 -7.97 -18.20
C42 EM4 K . -8.96 -6.71 -17.51
C41 EM4 K . -8.87 -5.54 -18.51
C40 EM4 K . -8.71 -4.20 -17.79
C20 EM4 K . -2.13 -1.65 -12.88
O EM4 K . -2.16 -2.86 -12.65
N2 EM4 K . -2.31 -0.73 -11.93
C27 EM4 K . -2.51 -1.15 -10.54
C28 EM4 K . -1.15 -1.30 -9.85
C31 EM4 K . 0.76 0.02 -9.22
O9 EM4 K . 1.71 -0.81 -9.96
C30 EM4 K . 2.08 -0.43 -11.33
C29 EM4 K . 3.25 -1.32 -11.81
O8 EM4 K . 2.81 -2.68 -11.81
C34 EM4 K . 2.52 1.03 -11.37
C33 EM4 K . 1.47 1.92 -10.70
C32 EM4 K . 1.22 1.49 -9.24
C26 EM4 K . -3.35 -0.10 -9.78
C25 EM4 K . -4.74 0.14 -10.40
O2 EM4 K . -5.40 1.20 -9.63
C24 EM4 K . -5.60 -1.14 -10.45
C23 EM4 K . -7.12 -0.84 -10.68
C22 EM4 K . -7.37 -0.16 -12.05
C21 EM4 K . -8.83 -0.30 -12.46
N1 EM4 K . -9.53 0.86 -12.46
C19 EM4 K . -10.95 0.89 -12.88
C18 EM4 K . -11.70 2.03 -12.20
C17 EM4 K . -12.49 1.45 -11.03
C16 EM4 K . -13.49 2.48 -10.54
C15 EM4 K . -13.78 2.21 -9.05
C14 EM4 K . -15.12 2.83 -8.64
C13 EM4 K . -15.47 2.62 -7.15
C12 EM4 K . -15.25 3.65 -6.23
C11 EM4 K . -15.56 3.47 -4.89
C10 EM4 K . -16.09 2.26 -4.43
C9 EM4 K . -16.28 1.22 -5.34
C8 EM4 K . -15.99 1.41 -6.70
NA NA L . -4.86 -0.28 -2.54
#